data_6O5W
# 
_entry.id   6O5W 
# 
_audit_conform.dict_name       mmcif_pdbx.dic 
_audit_conform.dict_version    5.380 
_audit_conform.dict_location   http://mmcif.pdb.org/dictionaries/ascii/mmcif_pdbx.dic 
# 
loop_
_database_2.database_id 
_database_2.database_code 
_database_2.pdbx_database_accession 
_database_2.pdbx_DOI 
PDB   6O5W         pdb_00006o5w 10.2210/pdb6o5w/pdb 
WWPDB D_1000239343 ?            ?                   
# 
_pdbx_database_status.status_code                     REL 
_pdbx_database_status.status_code_sf                  REL 
_pdbx_database_status.status_code_mr                  ? 
_pdbx_database_status.entry_id                        6O5W 
_pdbx_database_status.recvd_initial_deposition_date   2019-03-04 
_pdbx_database_status.SG_entry                        N 
_pdbx_database_status.deposit_site                    RCSB 
_pdbx_database_status.process_site                    RCSB 
_pdbx_database_status.status_code_cs                  ? 
_pdbx_database_status.methods_development_category    ? 
_pdbx_database_status.pdb_format_compatible           Y 
_pdbx_database_status.status_code_nmr_data            ? 
# 
loop_
_audit_author.name 
_audit_author.pdbx_ordinal 
_audit_author.identifier_ORCID 
'Ahn, J.'          1 ? 
'Zhang, Y.'        2 ? 
'Vann, K.R.'       3 ? 
'Kutateleadze, T.' 4 ? 
# 
_citation.abstract                  ? 
_citation.abstract_id_CAS           ? 
_citation.book_id_ISBN              ? 
_citation.book_publisher            ? 
_citation.book_publisher_city       ? 
_citation.book_title                ? 
_citation.coordinate_linkage        ? 
_citation.country                   UK 
_citation.database_id_Medline       ? 
_citation.details                   ? 
_citation.id                        primary 
_citation.journal_abbrev            Structure 
_citation.journal_id_ASTM           STRUE6 
_citation.journal_id_CSD            2005 
_citation.journal_id_ISSN           0969-2126 
_citation.journal_full              ? 
_citation.journal_issue             ? 
_citation.journal_volume            27 
_citation.language                  ? 
_citation.page_first                1029 
_citation.page_last                 1033.e3 
_citation.title                     'MORC3 Is a Target of the Influenza A Viral Protein NS1.' 
_citation.year                      2019 
_citation.database_id_CSD           ? 
_citation.pdbx_database_id_DOI      10.1016/j.str.2019.03.015 
_citation.pdbx_database_id_PubMed   31006586 
_citation.unpublished_flag          ? 
# 
loop_
_citation_author.citation_id 
_citation_author.name 
_citation_author.ordinal 
_citation_author.identifier_ORCID 
primary 'Zhang, Y.'         1 ? 
primary 'Ahn, J.'           2 ? 
primary 'Green, K.J.'       3 ? 
primary 'Vann, K.R.'        4 ? 
primary 'Black, J.'         5 ? 
primary 'Brooke, C.B.'      6 ? 
primary 'Kutateladze, T.G.' 7 ? 
# 
_cell.angle_alpha                  90.00 
_cell.angle_alpha_esd              ? 
_cell.angle_beta                   90.00 
_cell.angle_beta_esd               ? 
_cell.angle_gamma                  90.00 
_cell.angle_gamma_esd              ? 
_cell.entry_id                     6O5W 
_cell.details                      ? 
_cell.formula_units_Z              ? 
_cell.length_a                     30.912 
_cell.length_a_esd                 ? 
_cell.length_b                     37.424 
_cell.length_b_esd                 ? 
_cell.length_c                     50.314 
_cell.length_c_esd                 ? 
_cell.volume                       ? 
_cell.volume_esd                   ? 
_cell.Z_PDB                        4 
_cell.reciprocal_angle_alpha       ? 
_cell.reciprocal_angle_beta        ? 
_cell.reciprocal_angle_gamma       ? 
_cell.reciprocal_angle_alpha_esd   ? 
_cell.reciprocal_angle_beta_esd    ? 
_cell.reciprocal_angle_gamma_esd   ? 
_cell.reciprocal_length_a          ? 
_cell.reciprocal_length_b          ? 
_cell.reciprocal_length_c          ? 
_cell.reciprocal_length_a_esd      ? 
_cell.reciprocal_length_b_esd      ? 
_cell.reciprocal_length_c_esd      ? 
_cell.pdbx_unique_axis             ? 
# 
_symmetry.entry_id                         6O5W 
_symmetry.cell_setting                     ? 
_symmetry.Int_Tables_number                19 
_symmetry.space_group_name_Hall            ? 
_symmetry.space_group_name_H-M             'P 21 21 21' 
_symmetry.pdbx_full_space_group_name_H-M   ? 
# 
loop_
_entity.id 
_entity.type 
_entity.src_method 
_entity.pdbx_description 
_entity.formula_weight 
_entity.pdbx_number_of_molecules 
_entity.pdbx_ec 
_entity.pdbx_mutation 
_entity.pdbx_fragment 
_entity.details 
1 polymer     man 'NS1-linked peptide,MORC family CW-type zinc finger protein 3' 6792.451 1   ? ? ? 
'NS1-linked peptide (225-230) Linker(403-406) MORC Family CW-Type Zinc Finger 3(407-455)' 
2 non-polymer syn 'ZINC ION'                                                     65.409   1   ? ? ? ? 
3 water       nat water                                                          18.015   135 ? ? ? ? 
# 
_entity_name_com.entity_id   1 
_entity_name_com.name        'Nuclear matrix protein 2,Zinc finger CW-type coiled-coil domain protein 3' 
# 
_entity_poly.entity_id                      1 
_entity_poly.type                           'polypeptide(L)' 
_entity_poly.nstd_linkage                   no 
_entity_poly.nstd_monomer                   no 
_entity_poly.pdbx_seq_one_letter_code       TARSKVGGSGDQTWVQCDACLKWRKLPDGMDQLPEKWYCSNNPDPQFRNCEVPEEPEDE 
_entity_poly.pdbx_seq_one_letter_code_can   TARSKVGGSGDQTWVQCDACLKWRKLPDGMDQLPEKWYCSNNPDPQFRNCEVPEEPEDE 
_entity_poly.pdbx_strand_id                 A 
_entity_poly.pdbx_target_identifier         ? 
# 
loop_
_entity_poly_seq.entity_id 
_entity_poly_seq.num 
_entity_poly_seq.mon_id 
_entity_poly_seq.hetero 
1 1  THR n 
1 2  ALA n 
1 3  ARG n 
1 4  SER n 
1 5  LYS n 
1 6  VAL n 
1 7  GLY n 
1 8  GLY n 
1 9  SER n 
1 10 GLY n 
1 11 ASP n 
1 12 GLN n 
1 13 THR n 
1 14 TRP n 
1 15 VAL n 
1 16 GLN n 
1 17 CYS n 
1 18 ASP n 
1 19 ALA n 
1 20 CYS n 
1 21 LEU n 
1 22 LYS n 
1 23 TRP n 
1 24 ARG n 
1 25 LYS n 
1 26 LEU n 
1 27 PRO n 
1 28 ASP n 
1 29 GLY n 
1 30 MET n 
1 31 ASP n 
1 32 GLN n 
1 33 LEU n 
1 34 PRO n 
1 35 GLU n 
1 36 LYS n 
1 37 TRP n 
1 38 TYR n 
1 39 CYS n 
1 40 SER n 
1 41 ASN n 
1 42 ASN n 
1 43 PRO n 
1 44 ASP n 
1 45 PRO n 
1 46 GLN n 
1 47 PHE n 
1 48 ARG n 
1 49 ASN n 
1 50 CYS n 
1 51 GLU n 
1 52 VAL n 
1 53 PRO n 
1 54 GLU n 
1 55 GLU n 
1 56 PRO n 
1 57 GLU n 
1 58 ASP n 
1 59 GLU n 
# 
loop_
_entity_src_gen.entity_id 
_entity_src_gen.pdbx_src_id 
_entity_src_gen.pdbx_alt_source_flag 
_entity_src_gen.pdbx_seq_type 
_entity_src_gen.pdbx_beg_seq_num 
_entity_src_gen.pdbx_end_seq_num 
_entity_src_gen.gene_src_common_name 
_entity_src_gen.gene_src_genus 
_entity_src_gen.pdbx_gene_src_gene 
_entity_src_gen.gene_src_species 
_entity_src_gen.gene_src_strain 
_entity_src_gen.gene_src_tissue 
_entity_src_gen.gene_src_tissue_fraction 
_entity_src_gen.gene_src_details 
_entity_src_gen.pdbx_gene_src_fragment 
_entity_src_gen.pdbx_gene_src_scientific_name 
_entity_src_gen.pdbx_gene_src_ncbi_taxonomy_id 
_entity_src_gen.pdbx_gene_src_variant 
_entity_src_gen.pdbx_gene_src_cell_line 
_entity_src_gen.pdbx_gene_src_atcc 
_entity_src_gen.pdbx_gene_src_organ 
_entity_src_gen.pdbx_gene_src_organelle 
_entity_src_gen.pdbx_gene_src_cell 
_entity_src_gen.pdbx_gene_src_cellular_location 
_entity_src_gen.host_org_common_name 
_entity_src_gen.pdbx_host_org_scientific_name 
_entity_src_gen.pdbx_host_org_ncbi_taxonomy_id 
_entity_src_gen.host_org_genus 
_entity_src_gen.pdbx_host_org_gene 
_entity_src_gen.pdbx_host_org_organ 
_entity_src_gen.host_org_species 
_entity_src_gen.pdbx_host_org_tissue 
_entity_src_gen.pdbx_host_org_tissue_fraction 
_entity_src_gen.pdbx_host_org_strain 
_entity_src_gen.pdbx_host_org_variant 
_entity_src_gen.pdbx_host_org_cell_line 
_entity_src_gen.pdbx_host_org_atcc 
_entity_src_gen.pdbx_host_org_culture_collection 
_entity_src_gen.pdbx_host_org_cell 
_entity_src_gen.pdbx_host_org_organelle 
_entity_src_gen.pdbx_host_org_cellular_location 
_entity_src_gen.pdbx_host_org_vector_type 
_entity_src_gen.pdbx_host_org_vector 
_entity_src_gen.host_org_details 
_entity_src_gen.expression_system_id 
_entity_src_gen.plasmid_name 
_entity_src_gen.plasmid_details 
_entity_src_gen.pdbx_description 
1 1 sample 'Biological sequence' 1 6  ?     ? ?                               ? ? ? ? ? ? 'Homo sapiens' 9606 ? ? ? ? ? ? ? ? 
'Escherichia coli' 562 ? ? ? ? ? ? ? ? ? ? ? ? ? ? ? ? ? ? ? ? ? 
1 2 sample 'Biological sequence' 7 59 Human ? 'MORC3, KIAA0136, NXP2, ZCWCC3' ? ? ? ? ? ? 'Homo sapiens' 9606 ? ? ? ? ? ? ? ? 
'Escherichia coli' 562 ? ? ? ? ? ? ? ? ? ? ? ? ? ? ? ? ? ? ? ? ? 
# 
loop_
_struct_ref.id 
_struct_ref.db_name 
_struct_ref.db_code 
_struct_ref.pdbx_db_accession 
_struct_ref.pdbx_db_isoform 
_struct_ref.entity_id 
_struct_ref.pdbx_seq_one_letter_code 
_struct_ref.pdbx_align_begin 
1 PDB 6O5W        6O5W   ? 1 ?                                                 1   
2 UNP MORC3_HUMAN Q14149 ? 1 DQTWVQCDACLKWRKLPDGMDQLPEKWYCSNNPDPQFRNCEVPEEPEDE 407 
# 
loop_
_struct_ref_seq.align_id 
_struct_ref_seq.ref_id 
_struct_ref_seq.pdbx_PDB_id_code 
_struct_ref_seq.pdbx_strand_id 
_struct_ref_seq.seq_align_beg 
_struct_ref_seq.pdbx_seq_align_beg_ins_code 
_struct_ref_seq.seq_align_end 
_struct_ref_seq.pdbx_seq_align_end_ins_code 
_struct_ref_seq.pdbx_db_accession 
_struct_ref_seq.db_align_beg 
_struct_ref_seq.pdbx_db_align_beg_ins_code 
_struct_ref_seq.db_align_end 
_struct_ref_seq.pdbx_db_align_end_ins_code 
_struct_ref_seq.pdbx_auth_seq_align_beg 
_struct_ref_seq.pdbx_auth_seq_align_end 
1 1 6O5W A 1  ? 6  ? 6O5W   225 ? 230 ? 225 230 
2 2 6O5W A 11 ? 59 ? Q14149 407 ? 455 ? 407 455 
# 
loop_
_struct_ref_seq_dif.align_id 
_struct_ref_seq_dif.pdbx_pdb_id_code 
_struct_ref_seq_dif.mon_id 
_struct_ref_seq_dif.pdbx_pdb_strand_id 
_struct_ref_seq_dif.seq_num 
_struct_ref_seq_dif.pdbx_pdb_ins_code 
_struct_ref_seq_dif.pdbx_seq_db_name 
_struct_ref_seq_dif.pdbx_seq_db_accession_code 
_struct_ref_seq_dif.db_mon_id 
_struct_ref_seq_dif.pdbx_seq_db_seq_num 
_struct_ref_seq_dif.details 
_struct_ref_seq_dif.pdbx_auth_seq_num 
_struct_ref_seq_dif.pdbx_ordinal 
1 6O5W GLY A 7  ? PDB ? ? ? linker 403 1 
1 6O5W GLY A 8  ? PDB ? ? ? linker 404 2 
1 6O5W SER A 9  ? PDB ? ? ? linker 405 3 
1 6O5W GLY A 10 ? PDB ? ? ? linker 406 4 
# 
loop_
_chem_comp.id 
_chem_comp.type 
_chem_comp.mon_nstd_flag 
_chem_comp.name 
_chem_comp.pdbx_synonyms 
_chem_comp.formula 
_chem_comp.formula_weight 
ALA 'L-peptide linking' y ALANINE         ? 'C3 H7 N O2'     89.093  
ARG 'L-peptide linking' y ARGININE        ? 'C6 H15 N4 O2 1' 175.209 
ASN 'L-peptide linking' y ASPARAGINE      ? 'C4 H8 N2 O3'    132.118 
ASP 'L-peptide linking' y 'ASPARTIC ACID' ? 'C4 H7 N O4'     133.103 
CYS 'L-peptide linking' y CYSTEINE        ? 'C3 H7 N O2 S'   121.158 
GLN 'L-peptide linking' y GLUTAMINE       ? 'C5 H10 N2 O3'   146.144 
GLU 'L-peptide linking' y 'GLUTAMIC ACID' ? 'C5 H9 N O4'     147.129 
GLY 'peptide linking'   y GLYCINE         ? 'C2 H5 N O2'     75.067  
HOH non-polymer         . WATER           ? 'H2 O'           18.015  
LEU 'L-peptide linking' y LEUCINE         ? 'C6 H13 N O2'    131.173 
LYS 'L-peptide linking' y LYSINE          ? 'C6 H15 N2 O2 1' 147.195 
MET 'L-peptide linking' y METHIONINE      ? 'C5 H11 N O2 S'  149.211 
PHE 'L-peptide linking' y PHENYLALANINE   ? 'C9 H11 N O2'    165.189 
PRO 'L-peptide linking' y PROLINE         ? 'C5 H9 N O2'     115.130 
SER 'L-peptide linking' y SERINE          ? 'C3 H7 N O3'     105.093 
THR 'L-peptide linking' y THREONINE       ? 'C4 H9 N O3'     119.119 
TRP 'L-peptide linking' y TRYPTOPHAN      ? 'C11 H12 N2 O2'  204.225 
TYR 'L-peptide linking' y TYROSINE        ? 'C9 H11 N O3'    181.189 
VAL 'L-peptide linking' y VALINE          ? 'C5 H11 N O2'    117.146 
ZN  non-polymer         . 'ZINC ION'      ? 'Zn 2'           65.409  
# 
_exptl.absorpt_coefficient_mu     ? 
_exptl.absorpt_correction_T_max   ? 
_exptl.absorpt_correction_T_min   ? 
_exptl.absorpt_correction_type    ? 
_exptl.absorpt_process_details    ? 
_exptl.entry_id                   6O5W 
_exptl.crystals_number            1 
_exptl.details                    ? 
_exptl.method                     'X-RAY DIFFRACTION' 
_exptl.method_details             ? 
# 
_exptl_crystal.colour                      ? 
_exptl_crystal.density_diffrn              ? 
_exptl_crystal.density_Matthews            2.14 
_exptl_crystal.density_method              ? 
_exptl_crystal.density_percent_sol         42.58 
_exptl_crystal.description                 ? 
_exptl_crystal.F_000                       ? 
_exptl_crystal.id                          1 
_exptl_crystal.preparation                 ? 
_exptl_crystal.size_max                    ? 
_exptl_crystal.size_mid                    ? 
_exptl_crystal.size_min                    ? 
_exptl_crystal.size_rad                    ? 
_exptl_crystal.colour_lustre               ? 
_exptl_crystal.colour_modifier             ? 
_exptl_crystal.colour_primary              ? 
_exptl_crystal.density_meas                ? 
_exptl_crystal.density_meas_esd            ? 
_exptl_crystal.density_meas_gt             ? 
_exptl_crystal.density_meas_lt             ? 
_exptl_crystal.density_meas_temp           ? 
_exptl_crystal.density_meas_temp_esd       ? 
_exptl_crystal.density_meas_temp_gt        ? 
_exptl_crystal.density_meas_temp_lt        ? 
_exptl_crystal.pdbx_crystal_image_url      ? 
_exptl_crystal.pdbx_crystal_image_format   ? 
_exptl_crystal.pdbx_mosaicity              ? 
_exptl_crystal.pdbx_mosaicity_esd          ? 
# 
_exptl_crystal_grow.apparatus       ? 
_exptl_crystal_grow.atmosphere      ? 
_exptl_crystal_grow.crystal_id      1 
_exptl_crystal_grow.details         ? 
_exptl_crystal_grow.method          'VAPOR DIFFUSION, HANGING DROP' 
_exptl_crystal_grow.method_ref      ? 
_exptl_crystal_grow.pH              ? 
_exptl_crystal_grow.pressure        ? 
_exptl_crystal_grow.pressure_esd    ? 
_exptl_crystal_grow.seeding         ? 
_exptl_crystal_grow.seeding_ref     ? 
_exptl_crystal_grow.temp            289.15 
_exptl_crystal_grow.temp_details    ? 
_exptl_crystal_grow.temp_esd        ? 
_exptl_crystal_grow.time            ? 
_exptl_crystal_grow.pdbx_details    '100 mM HEPES pH 7.5 and 1.4M Sodium Citrate' 
_exptl_crystal_grow.pdbx_pH_range   ? 
# 
_diffrn.ambient_environment              ? 
_diffrn.ambient_temp                     100 
_diffrn.ambient_temp_details             ? 
_diffrn.ambient_temp_esd                 ? 
_diffrn.crystal_id                       1 
_diffrn.crystal_support                  ? 
_diffrn.crystal_treatment                ? 
_diffrn.details                          ? 
_diffrn.id                               1 
_diffrn.ambient_pressure                 ? 
_diffrn.ambient_pressure_esd             ? 
_diffrn.ambient_pressure_gt              ? 
_diffrn.ambient_pressure_lt              ? 
_diffrn.ambient_temp_gt                  ? 
_diffrn.ambient_temp_lt                  ? 
_diffrn.pdbx_serial_crystal_experiment   N 
# 
_diffrn_detector.details                      ? 
_diffrn_detector.detector                     CMOS 
_diffrn_detector.diffrn_id                    1 
_diffrn_detector.type                         'RDI CMOS_8M' 
_diffrn_detector.area_resol_mean              ? 
_diffrn_detector.dtime                        ? 
_diffrn_detector.pdbx_frames_total            ? 
_diffrn_detector.pdbx_collection_time_total   ? 
_diffrn_detector.pdbx_collection_date         2017-08-11 
_diffrn_detector.pdbx_frequency               ? 
# 
_diffrn_radiation.collimation                      ? 
_diffrn_radiation.diffrn_id                        1 
_diffrn_radiation.filter_edge                      ? 
_diffrn_radiation.inhomogeneity                    ? 
_diffrn_radiation.monochromator                    ? 
_diffrn_radiation.polarisn_norm                    ? 
_diffrn_radiation.polarisn_ratio                   ? 
_diffrn_radiation.probe                            ? 
_diffrn_radiation.type                             ? 
_diffrn_radiation.xray_symbol                      ? 
_diffrn_radiation.wavelength_id                    1 
_diffrn_radiation.pdbx_monochromatic_or_laue_m_l   M 
_diffrn_radiation.pdbx_wavelength_list             ? 
_diffrn_radiation.pdbx_wavelength                  ? 
_diffrn_radiation.pdbx_diffrn_protocol             'SINGLE WAVELENGTH' 
_diffrn_radiation.pdbx_analyzer                    ? 
_diffrn_radiation.pdbx_scattering_type             x-ray 
# 
_diffrn_radiation_wavelength.id           1 
_diffrn_radiation_wavelength.wavelength   1.28 
_diffrn_radiation_wavelength.wt           1.0 
# 
_diffrn_source.current                     ? 
_diffrn_source.details                     ? 
_diffrn_source.diffrn_id                   1 
_diffrn_source.power                       ? 
_diffrn_source.size                        ? 
_diffrn_source.source                      SYNCHROTRON 
_diffrn_source.target                      ? 
_diffrn_source.type                        'ALS BEAMLINE 4.2.2' 
_diffrn_source.voltage                     ? 
_diffrn_source.take-off_angle              ? 
_diffrn_source.pdbx_wavelength_list        1.28 
_diffrn_source.pdbx_wavelength             ? 
_diffrn_source.pdbx_synchrotron_beamline   4.2.2 
_diffrn_source.pdbx_synchrotron_site       ALS 
# 
_reflns.B_iso_Wilson_estimate            ? 
_reflns.entry_id                         6O5W 
_reflns.data_reduction_details           ? 
_reflns.data_reduction_method            ? 
_reflns.d_resolution_high                1.41 
_reflns.d_resolution_low                 50.0 
_reflns.details                          ? 
_reflns.limit_h_max                      ? 
_reflns.limit_h_min                      ? 
_reflns.limit_k_max                      ? 
_reflns.limit_k_min                      ? 
_reflns.limit_l_max                      ? 
_reflns.limit_l_min                      ? 
_reflns.number_all                       ? 
_reflns.number_obs                       71940 
_reflns.observed_criterion               ? 
_reflns.observed_criterion_F_max         ? 
_reflns.observed_criterion_F_min         ? 
_reflns.observed_criterion_I_max         ? 
_reflns.observed_criterion_I_min         ? 
_reflns.observed_criterion_sigma_F       ? 
_reflns.observed_criterion_sigma_I       ? 
_reflns.percent_possible_obs             99.2 
_reflns.R_free_details                   ? 
_reflns.Rmerge_F_all                     ? 
_reflns.Rmerge_F_obs                     ? 
_reflns.Friedel_coverage                 ? 
_reflns.number_gt                        ? 
_reflns.threshold_expression             ? 
_reflns.pdbx_redundancy                  11.0 
_reflns.pdbx_Rmerge_I_obs                ? 
_reflns.pdbx_Rmerge_I_all                ? 
_reflns.pdbx_Rsym_value                  0.08 
_reflns.pdbx_netI_over_av_sigmaI         ? 
_reflns.pdbx_netI_over_sigmaI            92.4 
_reflns.pdbx_res_netI_over_av_sigmaI_2   ? 
_reflns.pdbx_res_netI_over_sigmaI_2      ? 
_reflns.pdbx_chi_squared                 ? 
_reflns.pdbx_scaling_rejects             ? 
_reflns.pdbx_d_res_high_opt              ? 
_reflns.pdbx_d_res_low_opt               ? 
_reflns.pdbx_d_res_opt_method            ? 
_reflns.phase_calculation_details        ? 
_reflns.pdbx_Rrim_I_all                  ? 
_reflns.pdbx_Rpim_I_all                  ? 
_reflns.pdbx_d_opt                       ? 
_reflns.pdbx_number_measured_all         ? 
_reflns.pdbx_diffrn_id                   1 
_reflns.pdbx_ordinal                     1 
_reflns.pdbx_CC_half                     ? 
_reflns.pdbx_R_split                     ? 
# 
_reflns_shell.d_res_high                  1.41 
_reflns_shell.d_res_low                   1.43 
_reflns_shell.meanI_over_sigI_all         ? 
_reflns_shell.meanI_over_sigI_obs         ? 
_reflns_shell.number_measured_all         ? 
_reflns_shell.number_measured_obs         ? 
_reflns_shell.number_possible             ? 
_reflns_shell.number_unique_all           ? 
_reflns_shell.number_unique_obs           554 
_reflns_shell.percent_possible_all        ? 
_reflns_shell.percent_possible_obs        ? 
_reflns_shell.Rmerge_F_all                ? 
_reflns_shell.Rmerge_F_obs                ? 
_reflns_shell.Rmerge_I_all                ? 
_reflns_shell.Rmerge_I_obs                ? 
_reflns_shell.meanI_over_sigI_gt          ? 
_reflns_shell.meanI_over_uI_all           ? 
_reflns_shell.meanI_over_uI_gt            ? 
_reflns_shell.number_measured_gt          ? 
_reflns_shell.number_unique_gt            ? 
_reflns_shell.percent_possible_gt         ? 
_reflns_shell.Rmerge_F_gt                 ? 
_reflns_shell.Rmerge_I_gt                 ? 
_reflns_shell.pdbx_redundancy             ? 
_reflns_shell.pdbx_Rsym_value             ? 
_reflns_shell.pdbx_chi_squared            ? 
_reflns_shell.pdbx_netI_over_sigmaI_all   ? 
_reflns_shell.pdbx_netI_over_sigmaI_obs   ? 
_reflns_shell.pdbx_Rrim_I_all             ? 
_reflns_shell.pdbx_Rpim_I_all             ? 
_reflns_shell.pdbx_rejects                ? 
_reflns_shell.pdbx_ordinal                1 
_reflns_shell.pdbx_diffrn_id              1 
_reflns_shell.pdbx_CC_half                ? 
_reflns_shell.pdbx_R_split                ? 
# 
_refine.aniso_B[1][1]                            ? 
_refine.aniso_B[1][2]                            ? 
_refine.aniso_B[1][3]                            ? 
_refine.aniso_B[2][2]                            ? 
_refine.aniso_B[2][3]                            ? 
_refine.aniso_B[3][3]                            ? 
_refine.B_iso_max                                ? 
_refine.B_iso_mean                               ? 
_refine.B_iso_min                                ? 
_refine.correlation_coeff_Fo_to_Fc               ? 
_refine.correlation_coeff_Fo_to_Fc_free          ? 
_refine.details                                  ? 
_refine.diff_density_max                         ? 
_refine.diff_density_max_esd                     ? 
_refine.diff_density_min                         ? 
_refine.diff_density_min_esd                     ? 
_refine.diff_density_rms                         ? 
_refine.diff_density_rms_esd                     ? 
_refine.entry_id                                 6O5W 
_refine.pdbx_refine_id                           'X-RAY DIFFRACTION' 
_refine.ls_abs_structure_details                 ? 
_refine.ls_abs_structure_Flack                   ? 
_refine.ls_abs_structure_Flack_esd               ? 
_refine.ls_abs_structure_Rogers                  ? 
_refine.ls_abs_structure_Rogers_esd              ? 
_refine.ls_d_res_high                            1.412 
_refine.ls_d_res_low                             26.338 
_refine.ls_extinction_coef                       ? 
_refine.ls_extinction_coef_esd                   ? 
_refine.ls_extinction_expression                 ? 
_refine.ls_extinction_method                     ? 
_refine.ls_goodness_of_fit_all                   ? 
_refine.ls_goodness_of_fit_all_esd               ? 
_refine.ls_goodness_of_fit_obs                   ? 
_refine.ls_goodness_of_fit_obs_esd               ? 
_refine.ls_hydrogen_treatment                    ? 
_refine.ls_matrix_type                           ? 
_refine.ls_number_constraints                    ? 
_refine.ls_number_parameters                     ? 
_refine.ls_number_reflns_all                     ? 
_refine.ls_number_reflns_obs                     21392 
_refine.ls_number_reflns_R_free                  2140 
_refine.ls_number_reflns_R_work                  ? 
_refine.ls_number_restraints                     ? 
_refine.ls_percent_reflns_obs                    98.72 
_refine.ls_percent_reflns_R_free                 10.00 
_refine.ls_R_factor_all                          ? 
_refine.ls_R_factor_obs                          0.1544 
_refine.ls_R_factor_R_free                       0.1687 
_refine.ls_R_factor_R_free_error                 ? 
_refine.ls_R_factor_R_free_error_details         ? 
_refine.ls_R_factor_R_work                       0.1528 
_refine.ls_R_Fsqd_factor_obs                     ? 
_refine.ls_R_I_factor_obs                        ? 
_refine.ls_redundancy_reflns_all                 ? 
_refine.ls_redundancy_reflns_obs                 ? 
_refine.ls_restrained_S_all                      ? 
_refine.ls_restrained_S_obs                      ? 
_refine.ls_shift_over_esd_max                    ? 
_refine.ls_shift_over_esd_mean                   ? 
_refine.ls_structure_factor_coef                 ? 
_refine.ls_weighting_details                     ? 
_refine.ls_weighting_scheme                      ? 
_refine.ls_wR_factor_all                         ? 
_refine.ls_wR_factor_obs                         ? 
_refine.ls_wR_factor_R_free                      ? 
_refine.ls_wR_factor_R_work                      ? 
_refine.occupancy_max                            ? 
_refine.occupancy_min                            ? 
_refine.solvent_model_details                    ? 
_refine.solvent_model_param_bsol                 ? 
_refine.solvent_model_param_ksol                 ? 
_refine.ls_R_factor_gt                           ? 
_refine.ls_goodness_of_fit_gt                    ? 
_refine.ls_goodness_of_fit_ref                   ? 
_refine.ls_shift_over_su_max                     ? 
_refine.ls_shift_over_su_max_lt                  ? 
_refine.ls_shift_over_su_mean                    ? 
_refine.ls_shift_over_su_mean_lt                 ? 
_refine.pdbx_ls_sigma_I                          ? 
_refine.pdbx_ls_sigma_F                          1.48 
_refine.pdbx_ls_sigma_Fsqd                       ? 
_refine.pdbx_data_cutoff_high_absF               ? 
_refine.pdbx_data_cutoff_high_rms_absF           ? 
_refine.pdbx_data_cutoff_low_absF                ? 
_refine.pdbx_isotropic_thermal_model             ? 
_refine.pdbx_ls_cross_valid_method               'FREE R-VALUE' 
_refine.pdbx_method_to_determine_struct          SAD 
_refine.pdbx_starting_model                      5SVX 
_refine.pdbx_stereochemistry_target_values       ? 
_refine.pdbx_R_Free_selection_details            ? 
_refine.pdbx_stereochem_target_val_spec_case     ? 
_refine.pdbx_overall_ESU_R                       ? 
_refine.pdbx_overall_ESU_R_Free                  ? 
_refine.pdbx_solvent_vdw_probe_radii             1.11 
_refine.pdbx_solvent_ion_probe_radii             ? 
_refine.pdbx_solvent_shrinkage_radii             0.90 
_refine.pdbx_real_space_R                        ? 
_refine.pdbx_density_correlation                 ? 
_refine.pdbx_pd_number_of_powder_patterns        ? 
_refine.pdbx_pd_number_of_points                 ? 
_refine.pdbx_pd_meas_number_of_points            ? 
_refine.pdbx_pd_proc_ls_prof_R_factor            ? 
_refine.pdbx_pd_proc_ls_prof_wR_factor           ? 
_refine.pdbx_pd_Marquardt_correlation_coeff      ? 
_refine.pdbx_pd_Fsqrd_R_factor                   ? 
_refine.pdbx_pd_ls_matrix_band_width             ? 
_refine.pdbx_overall_phase_error                 14.04 
_refine.pdbx_overall_SU_R_free_Cruickshank_DPI   ? 
_refine.pdbx_overall_SU_R_free_Blow_DPI          ? 
_refine.pdbx_overall_SU_R_Blow_DPI               ? 
_refine.pdbx_TLS_residual_ADP_flag               ? 
_refine.pdbx_diffrn_id                           1 
_refine.overall_SU_B                             ? 
_refine.overall_SU_ML                            0.09 
_refine.overall_SU_R_Cruickshank_DPI             ? 
_refine.overall_SU_R_free                        ? 
_refine.overall_FOM_free_R_set                   ? 
_refine.overall_FOM_work_R_set                   ? 
_refine.pdbx_average_fsc_overall                 ? 
_refine.pdbx_average_fsc_work                    ? 
_refine.pdbx_average_fsc_free                    ? 
# 
_refine_hist.pdbx_refine_id                   'X-RAY DIFFRACTION' 
_refine_hist.cycle_id                         LAST 
_refine_hist.details                          ? 
_refine_hist.d_res_high                       1.412 
_refine_hist.d_res_low                        26.338 
_refine_hist.number_atoms_solvent             135 
_refine_hist.number_atoms_total               592 
_refine_hist.number_reflns_all                ? 
_refine_hist.number_reflns_obs                ? 
_refine_hist.number_reflns_R_free             ? 
_refine_hist.number_reflns_R_work             ? 
_refine_hist.R_factor_all                     ? 
_refine_hist.R_factor_obs                     ? 
_refine_hist.R_factor_R_free                  ? 
_refine_hist.R_factor_R_work                  ? 
_refine_hist.pdbx_number_residues_total       ? 
_refine_hist.pdbx_B_iso_mean_ligand           ? 
_refine_hist.pdbx_B_iso_mean_solvent          ? 
_refine_hist.pdbx_number_atoms_protein        456 
_refine_hist.pdbx_number_atoms_nucleic_acid   0 
_refine_hist.pdbx_number_atoms_ligand         1 
_refine_hist.pdbx_number_atoms_lipid          ? 
_refine_hist.pdbx_number_atoms_carb           ? 
_refine_hist.pdbx_pseudo_atom_details         ? 
# 
loop_
_refine_ls_restr.pdbx_refine_id 
_refine_ls_restr.criterion 
_refine_ls_restr.dev_ideal 
_refine_ls_restr.dev_ideal_target 
_refine_ls_restr.number 
_refine_ls_restr.rejects 
_refine_ls_restr.type 
_refine_ls_restr.weight 
_refine_ls_restr.pdbx_restraint_function 
'X-RAY DIFFRACTION' ? 0.005  ? 494 ? f_bond_d           ? ? 
'X-RAY DIFFRACTION' ? 0.948  ? 673 ? f_angle_d          ? ? 
'X-RAY DIFFRACTION' ? 14.695 ? 194 ? f_dihedral_angle_d ? ? 
'X-RAY DIFFRACTION' ? 0.093  ? 64  ? f_chiral_restr     ? ? 
'X-RAY DIFFRACTION' ? 0.007  ? 93  ? f_plane_restr      ? ? 
# 
loop_
_refine_ls_shell.pdbx_refine_id 
_refine_ls_shell.d_res_high 
_refine_ls_shell.d_res_low 
_refine_ls_shell.number_reflns_all 
_refine_ls_shell.number_reflns_obs 
_refine_ls_shell.number_reflns_R_free 
_refine_ls_shell.number_reflns_R_work 
_refine_ls_shell.percent_reflns_obs 
_refine_ls_shell.percent_reflns_R_free 
_refine_ls_shell.R_factor_all 
_refine_ls_shell.R_factor_obs 
_refine_ls_shell.R_factor_R_free 
_refine_ls_shell.R_factor_R_free_error 
_refine_ls_shell.R_factor_R_work 
_refine_ls_shell.redundancy_reflns_all 
_refine_ls_shell.redundancy_reflns_obs 
_refine_ls_shell.wR_factor_all 
_refine_ls_shell.wR_factor_obs 
_refine_ls_shell.wR_factor_R_free 
_refine_ls_shell.wR_factor_R_work 
_refine_ls_shell.pdbx_total_number_of_bins_used 
_refine_ls_shell.pdbx_phase_error 
_refine_ls_shell.pdbx_fsc_work 
_refine_ls_shell.pdbx_fsc_free 
'X-RAY DIFFRACTION' 1.4119 1.4447  . . 136 1244 95.00  . . . 0.1516 . 0.1475 . . . . . . . . . . 
'X-RAY DIFFRACTION' 1.4447 1.4808  . . 144 1276 98.00  . . . 0.1769 . 0.1482 . . . . . . . . . . 
'X-RAY DIFFRACTION' 1.4808 1.5209  . . 143 1289 100.00 . . . 0.1626 . 0.1436 . . . . . . . . . . 
'X-RAY DIFFRACTION' 1.5209 1.5656  . . 146 1281 98.00  . . . 0.1530 . 0.1461 . . . . . . . . . . 
'X-RAY DIFFRACTION' 1.5656 1.6161  . . 142 1302 100.00 . . . 0.1696 . 0.1350 . . . . . . . . . . 
'X-RAY DIFFRACTION' 1.6161 1.6739  . . 143 1290 100.00 . . . 0.1570 . 0.1403 . . . . . . . . . . 
'X-RAY DIFFRACTION' 1.6739 1.7409  . . 148 1300 100.00 . . . 0.1893 . 0.1588 . . . . . . . . . . 
'X-RAY DIFFRACTION' 1.7409 1.8201  . . 139 1277 100.00 . . . 0.1710 . 0.1535 . . . . . . . . . . 
'X-RAY DIFFRACTION' 1.8201 1.9161  . . 145 1299 100.00 . . . 0.1595 . 0.1443 . . . . . . . . . . 
'X-RAY DIFFRACTION' 1.9161 2.0361  . . 145 1302 100.00 . . . 0.1593 . 0.1554 . . . . . . . . . . 
'X-RAY DIFFRACTION' 2.0361 2.1932  . . 144 1314 100.00 . . . 0.1825 . 0.1443 . . . . . . . . . . 
'X-RAY DIFFRACTION' 2.1932 2.4138  . . 136 1278 100.00 . . . 0.1919 . 0.1528 . . . . . . . . . . 
'X-RAY DIFFRACTION' 2.4138 2.7627  . . 145 1278 99.00  . . . 0.1741 . 0.1745 . . . . . . . . . . 
'X-RAY DIFFRACTION' 2.7627 3.4795  . . 142 1301 99.00  . . . 0.1880 . 0.1575 . . . . . . . . . . 
'X-RAY DIFFRACTION' 3.4795 26.3428 . . 142 1221 95.00  . . . 0.1389 . 0.1525 . . . . . . . . . . 
# 
_struct.entry_id                     6O5W 
_struct.title                        'Crystal structure of MORC3 CW domain fused with viral influenza A NS1 peptide' 
_struct.pdbx_model_details           ? 
_struct.pdbx_formula_weight          ? 
_struct.pdbx_formula_weight_method   ? 
_struct.pdbx_model_type_details      ? 
_struct.pdbx_CASP_flag               N 
# 
_struct_keywords.entry_id        6O5W 
_struct_keywords.text            'MORC3, ATPase, NS1, virus, histone, CW, chromatin, TRANSCRIPTION' 
_struct_keywords.pdbx_keywords   TRANSCRIPTION 
# 
loop_
_struct_asym.id 
_struct_asym.pdbx_blank_PDB_chainid_flag 
_struct_asym.pdbx_modified 
_struct_asym.entity_id 
_struct_asym.details 
A N N 1 ? 
B N N 2 ? 
C N N 3 ? 
# 
loop_
_struct_conf.conf_type_id 
_struct_conf.id 
_struct_conf.pdbx_PDB_helix_id 
_struct_conf.beg_label_comp_id 
_struct_conf.beg_label_asym_id 
_struct_conf.beg_label_seq_id 
_struct_conf.pdbx_beg_PDB_ins_code 
_struct_conf.end_label_comp_id 
_struct_conf.end_label_asym_id 
_struct_conf.end_label_seq_id 
_struct_conf.pdbx_end_PDB_ins_code 
_struct_conf.beg_auth_comp_id 
_struct_conf.beg_auth_asym_id 
_struct_conf.beg_auth_seq_id 
_struct_conf.end_auth_comp_id 
_struct_conf.end_auth_asym_id 
_struct_conf.end_auth_seq_id 
_struct_conf.pdbx_PDB_helix_class 
_struct_conf.details 
_struct_conf.pdbx_PDB_helix_length 
HELX_P HELX_P1 AA1 TYR A 38 ? ASN A 42 ? TYR A 434 ASN A 438 5 ? 5 
HELX_P HELX_P2 AA2 ASP A 44 ? ARG A 48 ? ASP A 440 ARG A 444 5 ? 5 
# 
_struct_conf_type.id          HELX_P 
_struct_conf_type.criteria    ? 
_struct_conf_type.reference   ? 
# 
loop_
_struct_conn.id 
_struct_conn.conn_type_id 
_struct_conn.pdbx_leaving_atom_flag 
_struct_conn.pdbx_PDB_id 
_struct_conn.ptnr1_label_asym_id 
_struct_conn.ptnr1_label_comp_id 
_struct_conn.ptnr1_label_seq_id 
_struct_conn.ptnr1_label_atom_id 
_struct_conn.pdbx_ptnr1_label_alt_id 
_struct_conn.pdbx_ptnr1_PDB_ins_code 
_struct_conn.pdbx_ptnr1_standard_comp_id 
_struct_conn.ptnr1_symmetry 
_struct_conn.ptnr2_label_asym_id 
_struct_conn.ptnr2_label_comp_id 
_struct_conn.ptnr2_label_seq_id 
_struct_conn.ptnr2_label_atom_id 
_struct_conn.pdbx_ptnr2_label_alt_id 
_struct_conn.pdbx_ptnr2_PDB_ins_code 
_struct_conn.ptnr1_auth_asym_id 
_struct_conn.ptnr1_auth_comp_id 
_struct_conn.ptnr1_auth_seq_id 
_struct_conn.ptnr2_auth_asym_id 
_struct_conn.ptnr2_auth_comp_id 
_struct_conn.ptnr2_auth_seq_id 
_struct_conn.ptnr2_symmetry 
_struct_conn.pdbx_ptnr3_label_atom_id 
_struct_conn.pdbx_ptnr3_label_seq_id 
_struct_conn.pdbx_ptnr3_label_comp_id 
_struct_conn.pdbx_ptnr3_label_asym_id 
_struct_conn.pdbx_ptnr3_label_alt_id 
_struct_conn.pdbx_ptnr3_PDB_ins_code 
_struct_conn.details 
_struct_conn.pdbx_dist_value 
_struct_conn.pdbx_value_order 
_struct_conn.pdbx_role 
metalc1 metalc ? ? A CYS 17 SG ? ? ? 1_555 B ZN . ZN ? ? A CYS 413 A ZN 501 1_555 ? ? ? ? ? ? ? 2.349 ? ? 
metalc2 metalc ? ? A CYS 20 SG ? ? ? 1_555 B ZN . ZN ? ? A CYS 416 A ZN 501 1_555 ? ? ? ? ? ? ? 2.302 ? ? 
metalc3 metalc ? ? A CYS 39 SG ? ? ? 1_555 B ZN . ZN ? ? A CYS 435 A ZN 501 1_555 ? ? ? ? ? ? ? 2.343 ? ? 
metalc4 metalc ? ? A CYS 50 SG ? ? ? 1_555 B ZN . ZN ? ? A CYS 446 A ZN 501 1_555 ? ? ? ? ? ? ? 2.311 ? ? 
# 
_struct_conn_type.id          metalc 
_struct_conn_type.criteria    ? 
_struct_conn_type.reference   ? 
# 
_struct_sheet.id               AA1 
_struct_sheet.type             ? 
_struct_sheet.number_strands   3 
_struct_sheet.details          ? 
# 
loop_
_struct_sheet_order.sheet_id 
_struct_sheet_order.range_id_1 
_struct_sheet_order.range_id_2 
_struct_sheet_order.offset 
_struct_sheet_order.sense 
AA1 1 2 ? anti-parallel 
AA1 2 3 ? anti-parallel 
# 
loop_
_struct_sheet_range.sheet_id 
_struct_sheet_range.id 
_struct_sheet_range.beg_label_comp_id 
_struct_sheet_range.beg_label_asym_id 
_struct_sheet_range.beg_label_seq_id 
_struct_sheet_range.pdbx_beg_PDB_ins_code 
_struct_sheet_range.end_label_comp_id 
_struct_sheet_range.end_label_asym_id 
_struct_sheet_range.end_label_seq_id 
_struct_sheet_range.pdbx_end_PDB_ins_code 
_struct_sheet_range.beg_auth_comp_id 
_struct_sheet_range.beg_auth_asym_id 
_struct_sheet_range.beg_auth_seq_id 
_struct_sheet_range.end_auth_comp_id 
_struct_sheet_range.end_auth_asym_id 
_struct_sheet_range.end_auth_seq_id 
AA1 1 SER A 4  ? VAL A 6  ? SER A 228 VAL A 230 
AA1 2 THR A 13 ? GLN A 16 ? THR A 409 GLN A 412 
AA1 3 TRP A 23 ? LYS A 25 ? TRP A 419 LYS A 421 
# 
loop_
_pdbx_struct_sheet_hbond.sheet_id 
_pdbx_struct_sheet_hbond.range_id_1 
_pdbx_struct_sheet_hbond.range_id_2 
_pdbx_struct_sheet_hbond.range_1_label_atom_id 
_pdbx_struct_sheet_hbond.range_1_label_comp_id 
_pdbx_struct_sheet_hbond.range_1_label_asym_id 
_pdbx_struct_sheet_hbond.range_1_label_seq_id 
_pdbx_struct_sheet_hbond.range_1_PDB_ins_code 
_pdbx_struct_sheet_hbond.range_1_auth_atom_id 
_pdbx_struct_sheet_hbond.range_1_auth_comp_id 
_pdbx_struct_sheet_hbond.range_1_auth_asym_id 
_pdbx_struct_sheet_hbond.range_1_auth_seq_id 
_pdbx_struct_sheet_hbond.range_2_label_atom_id 
_pdbx_struct_sheet_hbond.range_2_label_comp_id 
_pdbx_struct_sheet_hbond.range_2_label_asym_id 
_pdbx_struct_sheet_hbond.range_2_label_seq_id 
_pdbx_struct_sheet_hbond.range_2_PDB_ins_code 
_pdbx_struct_sheet_hbond.range_2_auth_atom_id 
_pdbx_struct_sheet_hbond.range_2_auth_comp_id 
_pdbx_struct_sheet_hbond.range_2_auth_asym_id 
_pdbx_struct_sheet_hbond.range_2_auth_seq_id 
AA1 1 2 N LYS A 5  ? N LYS A 229 O TRP A 14 ? O TRP A 410 
AA1 2 3 N VAL A 15 ? N VAL A 411 O ARG A 24 ? O ARG A 420 
# 
_struct_site.id                   AC1 
_struct_site.pdbx_evidence_code   Software 
_struct_site.pdbx_auth_asym_id    A 
_struct_site.pdbx_auth_comp_id    ZN 
_struct_site.pdbx_auth_seq_id     501 
_struct_site.pdbx_auth_ins_code   ? 
_struct_site.pdbx_num_residues    4 
_struct_site.details              'binding site for residue ZN A 501' 
# 
loop_
_struct_site_gen.id 
_struct_site_gen.site_id 
_struct_site_gen.pdbx_num_res 
_struct_site_gen.label_comp_id 
_struct_site_gen.label_asym_id 
_struct_site_gen.label_seq_id 
_struct_site_gen.pdbx_auth_ins_code 
_struct_site_gen.auth_comp_id 
_struct_site_gen.auth_asym_id 
_struct_site_gen.auth_seq_id 
_struct_site_gen.label_atom_id 
_struct_site_gen.label_alt_id 
_struct_site_gen.symmetry 
_struct_site_gen.details 
1 AC1 4 CYS A 17 ? CYS A 413 . ? 1_555 ? 
2 AC1 4 CYS A 20 ? CYS A 416 . ? 1_555 ? 
3 AC1 4 CYS A 39 ? CYS A 435 . ? 1_555 ? 
4 AC1 4 CYS A 50 ? CYS A 446 . ? 1_555 ? 
# 
_atom_sites.entry_id                    6O5W 
_atom_sites.fract_transf_matrix[1][1]   0.02783100 
_atom_sites.fract_transf_matrix[1][2]   -0.01516188 
_atom_sites.fract_transf_matrix[1][3]   -0.00648656 
_atom_sites.fract_transf_matrix[2][1]   -0.01344606 
_atom_sites.fract_transf_matrix[2][2]   -0.02254500 
_atom_sites.fract_transf_matrix[2][3]   -0.00499381 
_atom_sites.fract_transf_matrix[3][1]   -0.00162150 
_atom_sites.fract_transf_matrix[3][2]   0.00520086 
_atom_sites.fract_transf_matrix[3][3]   -0.01911380 
_atom_sites.fract_transf_vector[1]      0.883668 
_atom_sites.fract_transf_vector[2]      0.382926 
_atom_sites.fract_transf_vector[3]      0.335242 
# 
loop_
_atom_type.symbol 
C  
N  
O  
S  
ZN 
# 
loop_
_atom_site.group_PDB 
_atom_site.id 
_atom_site.type_symbol 
_atom_site.label_atom_id 
_atom_site.label_alt_id 
_atom_site.label_comp_id 
_atom_site.label_asym_id 
_atom_site.label_entity_id 
_atom_site.label_seq_id 
_atom_site.pdbx_PDB_ins_code 
_atom_site.Cartn_x 
_atom_site.Cartn_y 
_atom_site.Cartn_z 
_atom_site.occupancy 
_atom_site.B_iso_or_equiv 
_atom_site.pdbx_formal_charge 
_atom_site.auth_seq_id 
_atom_site.auth_comp_id 
_atom_site.auth_asym_id 
_atom_site.auth_atom_id 
_atom_site.pdbx_PDB_model_num 
ATOM   1   N  N   . THR A 1 1  ? 10.706  -7.356  5.632   1.00 17.53 ? 225 THR A N   1 
ATOM   2   C  CA  . THR A 1 1  ? 9.556   -7.498  4.746   1.00 15.40 ? 225 THR A CA  1 
ATOM   3   C  C   . THR A 1 1  ? 8.672   -6.270  4.894   1.00 12.55 ? 225 THR A C   1 
ATOM   4   O  O   . THR A 1 1  ? 8.478   -5.760  6.001   1.00 14.82 ? 225 THR A O   1 
ATOM   5   C  CB  . THR A 1 1  ? 8.738   -8.753  5.084   1.00 16.35 ? 225 THR A CB  1 
ATOM   6   O  OG1 . THR A 1 1  ? 9.574   -9.910  4.955   1.00 23.56 ? 225 THR A OG1 1 
ATOM   7   C  CG2 . THR A 1 1  ? 7.559   -8.904  4.136   1.00 18.00 ? 225 THR A CG2 1 
ATOM   8   N  N   . ALA A 1 2  ? 8.140   -5.798  3.767   1.00 10.06 ? 226 ALA A N   1 
ATOM   9   C  CA  . ALA A 1 2  ? 7.282   -4.622  3.773   1.00 10.57 ? 226 ALA A CA  1 
ATOM   10  C  C   . ALA A 1 2  ? 6.146   -4.788  4.774   1.00 9.79  ? 226 ALA A C   1 
ATOM   11  O  O   . ALA A 1 2  ? 5.624   -5.889  4.979   1.00 11.26 ? 226 ALA A O   1 
ATOM   12  C  CB  . ALA A 1 2  ? 6.716   -4.369  2.373   1.00 12.47 ? 226 ALA A CB  1 
ATOM   13  N  N   . ARG A 1 3  ? 5.779   -3.685  5.407   1.00 9.29  ? 227 ARG A N   1 
ATOM   14  C  CA  . ARG A 1 3  ? 4.748   -3.702  6.427   1.00 8.91  ? 227 ARG A CA  1 
ATOM   15  C  C   . ARG A 1 3  ? 3.365   -3.645  5.788   1.00 8.09  ? 227 ARG A C   1 
ATOM   16  O  O   . ARG A 1 3  ? 3.130   -2.901  4.828   1.00 8.35  ? 227 ARG A O   1 
ATOM   17  C  CB  . ARG A 1 3  ? 4.946   -2.515  7.368   1.00 9.24  ? 227 ARG A CB  1 
ATOM   18  C  CG  . ARG A 1 3  ? 4.060   -2.554  8.595   1.00 10.37 ? 227 ARG A CG  1 
ATOM   19  C  CD  . ARG A 1 3  ? 4.227   -1.309  9.441   1.00 11.33 ? 227 ARG A CD  1 
ATOM   20  N  NE  . ARG A 1 3  ? 3.267   -1.321  10.537  1.00 13.61 ? 227 ARG A NE  1 
ATOM   21  C  CZ  . ARG A 1 3  ? 3.064   -0.303  11.363  1.00 15.65 ? 227 ARG A CZ  1 
ATOM   22  N  NH1 . ARG A 1 3  ? 3.756   0.818   11.222  1.00 13.24 ? 227 ARG A NH1 1 
ATOM   23  N  NH2 . ARG A 1 3  ? 2.150   -0.401  12.320  1.00 19.60 ? 227 ARG A NH2 1 
ATOM   24  N  N   . SER A 1 4  ? 2.453   -4.456  6.311   1.00 7.52  ? 228 SER A N   1 
ATOM   25  C  CA  . SER A 1 4  ? 1.072   -4.452  5.868   1.00 7.31  ? 228 SER A CA  1 
ATOM   26  C  C   . SER A 1 4  ? 0.165   -4.357  7.082   1.00 9.46  ? 228 SER A C   1 
ATOM   27  O  O   . SER A 1 4  ? 0.572   -4.641  8.212   1.00 9.49  ? 228 SER A O   1 
ATOM   28  C  CB  . SER A 1 4  ? 0.737   -5.713  5.081   1.00 8.07  ? 228 SER A CB  1 
ATOM   29  O  OG  . SER A 1 4  ? 0.806   -6.831  5.942   1.00 8.89  ? 228 SER A OG  1 
ATOM   30  N  N   . LYS A 1 5  ? -1.075  -3.952  6.837   1.00 8.95  ? 229 LYS A N   1 
ATOM   31  C  CA  . LYS A 1 5  ? -2.084  -3.962  7.879   1.00 7.93  ? 229 LYS A CA  1 
ATOM   32  C  C   . LYS A 1 5  ? -3.421  -4.266  7.231   1.00 8.60  ? 229 LYS A C   1 
ATOM   33  O  O   . LYS A 1 5  ? -3.626  -4.026  6.036   1.00 9.10  ? 229 LYS A O   1 
ATOM   34  C  CB  . LYS A 1 5  ? -2.171  -2.620  8.621   1.00 10.93 ? 229 LYS A CB  1 
ATOM   35  C  CG  . LYS A 1 5  ? -2.699  -1.494  7.751   1.00 11.11 ? 229 LYS A CG  1 
ATOM   36  C  CD  . LYS A 1 5  ? -2.798  -0.171  8.485   1.00 15.41 ? 229 LYS A CD  1 
ATOM   37  C  CE  . LYS A 1 5  ? -3.369  0.887   7.559   1.00 14.96 ? 229 LYS A CE  1 
ATOM   38  N  NZ  . LYS A 1 5  ? -3.514  2.210   8.235   1.00 24.56 ? 229 LYS A NZ  1 
ATOM   39  N  N   . VAL A 1 6  ? -4.341  -4.800  8.019   1.00 9.86  ? 230 VAL A N   1 
ATOM   40  C  CA  . VAL A 1 6  ? -5.708  -4.989  7.553   1.00 9.60  ? 230 VAL A CA  1 
ATOM   41  C  C   . VAL A 1 6  ? -6.541  -3.832  8.074   1.00 8.59  ? 230 VAL A C   1 
ATOM   42  O  O   . VAL A 1 6  ? -6.483  -3.508  9.263   1.00 9.94  ? 230 VAL A O   1 
ATOM   43  C  CB  . VAL A 1 6  ? -6.292  -6.335  8.008   1.00 9.84  ? 230 VAL A CB  1 
ATOM   44  C  CG1 . VAL A 1 6  ? -7.658  -6.539  7.354   1.00 11.11 ? 230 VAL A CG1 1 
ATOM   45  C  CG2 . VAL A 1 6  ? -5.342  -7.470  7.656   1.00 11.31 ? 230 VAL A CG2 1 
ATOM   46  N  N   . GLY A 1 7  ? -7.285  -3.184  7.184   1.00 8.93  ? 403 GLY A N   1 
ATOM   47  C  CA  . GLY A 1 7  ? -8.199  -2.147  7.625   1.00 10.62 ? 403 GLY A CA  1 
ATOM   48  C  C   . GLY A 1 7  ? -9.214  -2.679  8.618   1.00 9.71  ? 403 GLY A C   1 
ATOM   49  O  O   . GLY A 1 7  ? -9.565  -3.860  8.608   1.00 9.79  ? 403 GLY A O   1 
ATOM   50  N  N   . GLY A 1 8  ? -9.679  -1.788  9.495   1.00 11.33 ? 404 GLY A N   1 
ATOM   51  C  CA  . GLY A 1 8  ? -10.547 -2.207  10.586  1.00 10.03 ? 404 GLY A CA  1 
ATOM   52  C  C   . GLY A 1 8  ? -11.806 -2.920  10.134  1.00 12.62 ? 404 GLY A C   1 
ATOM   53  O  O   . GLY A 1 8  ? -12.278 -3.837  10.811  1.00 13.52 ? 404 GLY A O   1 
ATOM   54  N  N   . SER A 1 9  ? -12.368 -2.521  8.992   1.00 11.18 ? 405 SER A N   1 
ATOM   55  C  CA  . SER A 1 9  ? -13.586 -3.162  8.513   1.00 13.59 ? 405 SER A CA  1 
ATOM   56  C  C   . SER A 1 9  ? -13.325 -4.575  8.011   1.00 12.54 ? 405 SER A C   1 
ATOM   57  O  O   . SER A 1 9  ? -14.271 -5.359  7.878   1.00 14.84 ? 405 SER A O   1 
ATOM   58  C  CB  . SER A 1 9  ? -14.203 -2.351  7.379   1.00 14.64 ? 405 SER A CB  1 
ATOM   59  O  OG  . SER A 1 9  ? -13.416 -2.467  6.207   1.00 15.14 ? 405 SER A OG  1 
ATOM   60  N  N   . GLY A 1 10 ? -12.072 -4.915  7.720   1.00 10.50 ? 406 GLY A N   1 
ATOM   61  C  CA  . GLY A 1 10 ? -11.723 -6.247  7.282   1.00 9.62  ? 406 GLY A CA  1 
ATOM   62  C  C   . GLY A 1 10 ? -11.816 -6.486  5.796   1.00 11.37 ? 406 GLY A C   1 
ATOM   63  O  O   . GLY A 1 10 ? -11.612 -7.620  5.355   1.00 15.62 ? 406 GLY A O   1 
ATOM   64  N  N   . ASP A 1 11 ? -12.110 -5.463  5.005   1.00 11.53 ? 407 ASP A N   1 
ATOM   65  C  CA  A ASP A 1 11 ? -12.286 -5.693  3.580   0.56 12.67 ? 407 ASP A CA  1 
ATOM   66  C  CA  C ASP A 1 11 ? -12.312 -5.618  3.571   0.44 12.77 ? 407 ASP A CA  1 
ATOM   67  C  C   . ASP A 1 11 ? -11.043 -5.405  2.754   1.00 11.82 ? 407 ASP A C   1 
ATOM   68  O  O   . ASP A 1 11 ? -11.008 -5.776  1.575   1.00 12.83 ? 407 ASP A O   1 
ATOM   69  C  CB  A ASP A 1 11 ? -13.503 -4.924  3.036   0.56 18.47 ? 407 ASP A CB  1 
ATOM   70  C  CB  C ASP A 1 11 ? -13.387 -4.626  3.104   0.44 15.50 ? 407 ASP A CB  1 
ATOM   71  C  CG  A ASP A 1 11 ? -13.313 -3.421  3.046   0.56 17.07 ? 407 ASP A CG  1 
ATOM   72  C  CG  C ASP A 1 11 ? -13.688 -4.738  1.627   0.44 17.26 ? 407 ASP A CG  1 
ATOM   73  O  OD1 A ASP A 1 11 ? -12.342 -2.924  3.649   0.56 21.36 ? 407 ASP A OD1 1 
ATOM   74  O  OD1 C ASP A 1 11 ? -14.345 -5.722  1.225   0.44 20.90 ? 407 ASP A OD1 1 
ATOM   75  O  OD2 A ASP A 1 11 ? -14.163 -2.722  2.451   0.56 26.39 ? 407 ASP A OD2 1 
ATOM   76  O  OD2 C ASP A 1 11 ? -13.267 -3.839  0.866   0.44 21.87 ? 407 ASP A OD2 1 
ATOM   77  N  N   . GLN A 1 12 ? -10.003 -4.825  3.346   1.00 9.20  ? 408 GLN A N   1 
ATOM   78  C  CA  . GLN A 1 12 ? -8.885  -4.341  2.550   1.00 10.36 ? 408 GLN A CA  1 
ATOM   79  C  C   . GLN A 1 12 ? -7.589  -4.397  3.340   1.00 6.08  ? 408 GLN A C   1 
ATOM   80  O  O   . GLN A 1 12 ? -7.499  -3.819  4.426   1.00 8.73  ? 408 GLN A O   1 
ATOM   81  C  CB  . GLN A 1 12 ? -9.162  -2.887  2.157   1.00 7.44  ? 408 GLN A CB  1 
ATOM   82  C  CG  . GLN A 1 12 ? -8.088  -2.267  1.275   1.00 8.74  ? 408 GLN A CG  1 
ATOM   83  C  CD  . GLN A 1 12 ? -8.071  -2.894  -0.090  1.00 11.69 ? 408 GLN A CD  1 
ATOM   84  O  OE1 . GLN A 1 12 ? -9.043  -2.779  -0.843  1.00 14.34 ? 408 GLN A OE1 1 
ATOM   85  N  NE2 . GLN A 1 12 ? -6.991  -3.596  -0.411  1.00 10.06 ? 408 GLN A NE2 1 
ATOM   86  N  N   . THR A 1 13 ? -6.576  -5.041  2.770   1.00 6.52  ? 409 THR A N   1 
ATOM   87  C  CA  . THR A 1 13 ? -5.221  -4.940  3.285   1.00 6.23  ? 409 THR A CA  1 
ATOM   88  C  C   . THR A 1 13 ? -4.524  -3.752  2.642   1.00 6.04  ? 409 THR A C   1 
ATOM   89  O  O   . THR A 1 13 ? -4.789  -3.401  1.489   1.00 6.76  ? 409 THR A O   1 
ATOM   90  C  CB  . THR A 1 13 ? -4.462  -6.238  3.012   1.00 7.45  ? 409 THR A CB  1 
ATOM   91  O  OG1 . THR A 1 13 ? -5.122  -7.291  3.724   1.00 8.10  ? 409 THR A OG1 1 
ATOM   92  C  CG2 . THR A 1 13 ? -3.006  -6.164  3.478   1.00 8.65  ? 409 THR A CG2 1 
ATOM   93  N  N   . TRP A 1 14 ? -3.641  -3.131  3.407   1.00 6.73  ? 410 TRP A N   1 
ATOM   94  C  CA  . TRP A 1 14 ? -2.856  -1.991  2.973   1.00 5.44  ? 410 TRP A CA  1 
ATOM   95  C  C   . TRP A 1 14 ? -1.389  -2.325  3.155   1.00 7.99  ? 410 TRP A C   1 
ATOM   96  O  O   . TRP A 1 14 ? -1.017  -3.043  4.085   1.00 7.60  ? 410 TRP A O   1 
ATOM   97  C  CB  . TRP A 1 14 ? -3.166  -0.785  3.853   1.00 7.69  ? 410 TRP A CB  1 
ATOM   98  C  CG  . TRP A 1 14 ? -4.596  -0.356  3.799   1.00 7.18  ? 410 TRP A CG  1 
ATOM   99  C  CD1 . TRP A 1 14 ? -5.665  -0.998  4.364   1.00 8.97  ? 410 TRP A CD1 1 
ATOM   100 C  CD2 . TRP A 1 14 ? -5.113  0.840   3.213   1.00 8.58  ? 410 TRP A CD2 1 
ATOM   101 N  NE1 . TRP A 1 14 ? -6.819  -0.298  4.125   1.00 9.31  ? 410 TRP A NE1 1 
ATOM   102 C  CE2 . TRP A 1 14 ? -6.509  0.843   3.433   1.00 9.21  ? 410 TRP A CE2 1 
ATOM   103 C  CE3 . TRP A 1 14 ? -4.534  1.910   2.518   1.00 8.43  ? 410 TRP A CE3 1 
ATOM   104 C  CZ2 . TRP A 1 14 ? -7.334  1.873   2.978   1.00 9.63  ? 410 TRP A CZ2 1 
ATOM   105 C  CZ3 . TRP A 1 14 ? -5.353  2.930   2.071   1.00 10.05 ? 410 TRP A CZ3 1 
ATOM   106 C  CH2 . TRP A 1 14 ? -6.736  2.904   2.302   1.00 11.51 ? 410 TRP A CH2 1 
ATOM   107 N  N   . VAL A 1 15 ? -0.556  -1.797  2.268   1.00 6.80  ? 411 VAL A N   1 
ATOM   108 C  CA  . VAL A 1 15 ? 0.889   -1.949  2.349   1.00 6.90  ? 411 VAL A CA  1 
ATOM   109 C  C   . VAL A 1 15 ? 1.497   -0.567  2.519   1.00 6.12  ? 411 VAL A C   1 
ATOM   110 O  O   . VAL A 1 15 ? 1.015   0.409   1.933   1.00 7.50  ? 411 VAL A O   1 
ATOM   111 C  CB  . VAL A 1 15 ? 1.455   -2.687  1.114   1.00 5.96  ? 411 VAL A CB  1 
ATOM   112 C  CG1 . VAL A 1 15 ? 1.138   -1.948  -0.200  1.00 8.24  ? 411 VAL A CG1 1 
ATOM   113 C  CG2 . VAL A 1 15 ? 2.947   -2.929  1.266   1.00 7.48  ? 411 VAL A CG2 1 
ATOM   114 N  N   . GLN A 1 16 ? 2.520   -0.475  3.356   1.00 6.30  ? 412 GLN A N   1 
ATOM   115 C  CA  . GLN A 1 16 ? 3.151   0.803   3.662   1.00 6.72  ? 412 GLN A CA  1 
ATOM   116 C  C   . GLN A 1 16 ? 4.338   1.047   2.746   1.00 8.17  ? 412 GLN A C   1 
ATOM   117 O  O   . GLN A 1 16 ? 5.176   0.158   2.548   1.00 7.03  ? 412 GLN A O   1 
ATOM   118 C  CB  . GLN A 1 16 ? 3.625   0.850   5.109   1.00 6.90  ? 412 GLN A CB  1 
ATOM   119 C  CG  . GLN A 1 16 ? 3.898   2.263   5.558   1.00 7.93  ? 412 GLN A CG  1 
ATOM   120 C  CD  . GLN A 1 16 ? 4.396   2.341   6.974   1.00 7.33  ? 412 GLN A CD  1 
ATOM   121 O  OE1 . GLN A 1 16 ? 5.038   1.416   7.488   1.00 8.61  ? 412 GLN A OE1 1 
ATOM   122 N  NE2 . GLN A 1 16 ? 4.019   3.408   7.647   1.00 9.08  ? 412 GLN A NE2 1 
ATOM   123 N  N   . CYS A 1 17 ? 4.419   2.262   2.213   1.00 6.82  ? 413 CYS A N   1 
ATOM   124 C  CA  . CYS A 1 17 ? 5.594   2.648   1.454   1.00 5.80  ? 413 CYS A CA  1 
ATOM   125 C  C   . CYS A 1 17 ? 6.787   2.827   2.383   1.00 6.60  ? 413 CYS A C   1 
ATOM   126 O  O   . CYS A 1 17 ? 6.727   3.587   3.356   1.00 7.00  ? 413 CYS A O   1 
ATOM   127 C  CB  . CYS A 1 17 ? 5.320   3.954   0.715   1.00 5.95  ? 413 CYS A CB  1 
ATOM   128 S  SG  . CYS A 1 17 ? 6.768   4.573   -0.189  1.00 6.73  ? 413 CYS A SG  1 
ATOM   129 N  N   . ASP A 1 18 ? 7.881   2.145   2.058   1.00 7.08  ? 414 ASP A N   1 
ATOM   130 C  CA  . ASP A 1 18 ? 9.080   2.194   2.886   1.00 7.66  ? 414 ASP A CA  1 
ATOM   131 C  C   . ASP A 1 18 ? 9.789   3.538   2.806   1.00 7.95  ? 414 ASP A C   1 
ATOM   132 O  O   . ASP A 1 18 ? 10.660  3.812   3.642   1.00 8.31  ? 414 ASP A O   1 
ATOM   133 C  CB  . ASP A 1 18 ? 9.998   1.057   2.459   1.00 6.83  ? 414 ASP A CB  1 
ATOM   134 C  CG  . ASP A 1 18 ? 9.738   -0.194  3.236   1.00 8.65  ? 414 ASP A CG  1 
ATOM   135 O  OD1 . ASP A 1 18 ? 9.966   -0.184  4.464   1.00 10.26 ? 414 ASP A OD1 1 
ATOM   136 O  OD2 . ASP A 1 18 ? 9.204   -1.154  2.645   1.00 7.43  ? 414 ASP A OD2 1 
ATOM   137 N  N   . ALA A 1 19 ? 9.441   4.378   1.831   1.00 6.11  ? 415 ALA A N   1 
ATOM   138 C  CA  . ALA A 1 19 ? 10.034  5.705   1.711   1.00 7.90  ? 415 ALA A CA  1 
ATOM   139 C  C   . ALA A 1 19 ? 9.212   6.800   2.390   1.00 7.73  ? 415 ALA A C   1 
ATOM   140 O  O   . ALA A 1 19 ? 9.759   7.601   3.155   1.00 9.25  ? 415 ALA A O   1 
ATOM   141 C  CB  . ALA A 1 19 ? 10.275  6.047   0.241   1.00 7.88  ? 415 ALA A CB  1 
ATOM   142 N  N   . CYS A 1 20 ? 7.912   6.879   2.110   1.00 6.94  ? 416 CYS A N   1 
ATOM   143 C  CA  . CYS A 1 20 ? 7.104   7.988   2.601   1.00 7.51  ? 416 CYS A CA  1 
ATOM   144 C  C   . CYS A 1 20 ? 6.164   7.588   3.722   1.00 7.09  ? 416 CYS A C   1 
ATOM   145 O  O   . CYS A 1 20 ? 5.498   8.456   4.291   1.00 7.74  ? 416 CYS A O   1 
ATOM   146 C  CB  . CYS A 1 20 ? 6.291   8.624   1.459   1.00 7.28  ? 416 CYS A CB  1 
ATOM   147 S  SG  . CYS A 1 20 ? 4.866   7.629   0.915   1.00 7.33  ? 416 CYS A SG  1 
ATOM   148 N  N   . LEU A 1 21 ? 6.083   6.300   4.043   1.00 6.55  ? 417 LEU A N   1 
ATOM   149 C  CA  . LEU A 1 21 ? 5.276   5.741   5.126   1.00 7.33  ? 417 LEU A CA  1 
ATOM   150 C  C   . LEU A 1 21 ? 3.771   5.844   4.902   1.00 7.59  ? 417 LEU A C   1 
ATOM   151 O  O   . LEU A 1 21 ? 2.994   5.492   5.798   1.00 8.43  ? 417 LEU A O   1 
ATOM   152 C  CB  . LEU A 1 21 ? 5.672   6.260   6.515   1.00 8.54  ? 417 LEU A CB  1 
ATOM   153 C  CG  . LEU A 1 21 ? 7.129   5.986   6.875   1.00 7.48  ? 417 LEU A CG  1 
ATOM   154 C  CD1 . LEU A 1 21 ? 7.398   6.484   8.283   1.00 10.45 ? 417 LEU A CD1 1 
ATOM   155 C  CD2 . LEU A 1 21 ? 7.486   4.517   6.761   1.00 10.24 ? 417 LEU A CD2 1 
ATOM   156 N  N   A LYS A 1 22 ? 3.328   6.328   3.744   0.76 7.24  ? 418 LYS A N   1 
ATOM   157 N  N   B LYS A 1 22 ? 3.333   6.291   3.730   0.24 7.20  ? 418 LYS A N   1 
ATOM   158 C  CA  A LYS A 1 22 ? 1.904   6.293   3.446   0.76 7.58  ? 418 LYS A CA  1 
ATOM   159 C  CA  B LYS A 1 22 ? 1.911   6.289   3.429   0.24 7.65  ? 418 LYS A CA  1 
ATOM   160 C  C   A LYS A 1 22 ? 1.443   4.860   3.227   0.76 7.10  ? 418 LYS A C   1 
ATOM   161 C  C   B LYS A 1 22 ? 1.424   4.873   3.155   0.24 7.17  ? 418 LYS A C   1 
ATOM   162 O  O   A LYS A 1 22 ? 2.209   3.992   2.796   0.76 7.49  ? 418 LYS A O   1 
ATOM   163 O  O   B LYS A 1 22 ? 2.151   4.030   2.620   0.24 7.29  ? 418 LYS A O   1 
ATOM   164 C  CB  A LYS A 1 22 ? 1.588   7.106   2.197   0.76 8.25  ? 418 LYS A CB  1 
ATOM   165 C  CB  B LYS A 1 22 ? 1.616   7.167   2.217   0.24 8.31  ? 418 LYS A CB  1 
ATOM   166 C  CG  A LYS A 1 22 ? 1.721   8.604   2.388   0.76 6.99  ? 418 LYS A CG  1 
ATOM   167 C  CG  B LYS A 1 22 ? 1.753   8.647   2.490   0.24 7.02  ? 418 LYS A CG  1 
ATOM   168 C  CD  A LYS A 1 22 ? 1.281   9.319   1.125   0.76 7.32  ? 418 LYS A CD  1 
ATOM   169 C  CD  B LYS A 1 22 ? 1.505   9.443   1.227   0.24 7.12  ? 418 LYS A CD  1 
ATOM   170 C  CE  A LYS A 1 22 ? 1.456   10.826  1.225   0.76 8.68  ? 418 LYS A CE  1 
ATOM   171 C  CE  B LYS A 1 22 ? 1.492   10.930  1.507   0.24 9.03  ? 418 LYS A CE  1 
ATOM   172 N  NZ  A LYS A 1 22 ? 2.895   11.226  1.197   0.76 9.40  ? 418 LYS A NZ  1 
ATOM   173 N  NZ  B LYS A 1 22 ? 1.290   11.705  0.256   0.24 8.61  ? 418 LYS A NZ  1 
ATOM   174 N  N   . TRP A 1 23 ? 0.174   4.621   3.525   1.00 6.92  ? 419 TRP A N   1 
ATOM   175 C  CA  . TRP A 1 23 ? -0.442  3.320   3.342   1.00 7.47  ? 419 TRP A CA  1 
ATOM   176 C  C   . TRP A 1 23 ? -1.204  3.297   2.026   1.00 7.52  ? 419 TRP A C   1 
ATOM   177 O  O   . TRP A 1 23 ? -1.990  4.203   1.744   1.00 6.89  ? 419 TRP A O   1 
ATOM   178 C  CB  . TRP A 1 23 ? -1.380  3.047   4.515   1.00 9.01  ? 419 TRP A CB  1 
ATOM   179 C  CG  . TRP A 1 23 ? -0.622  2.907   5.796   1.00 8.98  ? 419 TRP A CG  1 
ATOM   180 C  CD1 . TRP A 1 23 ? -0.292  3.907   6.670   1.00 9.89  ? 419 TRP A CD1 1 
ATOM   181 C  CD2 . TRP A 1 23 ? -0.073  1.701   6.335   1.00 7.56  ? 419 TRP A CD2 1 
ATOM   182 N  NE1 . TRP A 1 23 ? 0.417   3.388   7.725   1.00 11.77 ? 419 TRP A NE1 1 
ATOM   183 C  CE2 . TRP A 1 23 ? 0.562   2.038   7.548   1.00 8.84  ? 419 TRP A CE2 1 
ATOM   184 C  CE3 . TRP A 1 23 ? -0.070  0.361   5.920   1.00 9.92  ? 419 TRP A CE3 1 
ATOM   185 C  CZ2 . TRP A 1 23 ? 1.201   1.086   8.347   1.00 11.28 ? 419 TRP A CZ2 1 
ATOM   186 C  CZ3 . TRP A 1 23 ? 0.565   -0.579  6.713   1.00 9.35  ? 419 TRP A CZ3 1 
ATOM   187 C  CH2 . TRP A 1 23 ? 1.187   -0.213  7.915   1.00 9.75  ? 419 TRP A CH2 1 
ATOM   188 N  N   . ARG A 1 24 ? -0.952  2.272   1.217   1.00 5.86  ? 420 ARG A N   1 
ATOM   189 C  CA  . ARG A 1 24 ? -1.601  2.120   -0.076  1.00 5.69  ? 420 ARG A CA  1 
ATOM   190 C  C   . ARG A 1 24 ? -2.440  0.853   -0.080  1.00 6.59  ? 420 ARG A C   1 
ATOM   191 O  O   . ARG A 1 24 ? -2.042  -0.165  0.492   1.00 7.33  ? 420 ARG A O   1 
ATOM   192 C  CB  . ARG A 1 24 ? -0.564  2.039   -1.205  1.00 6.15  ? 420 ARG A CB  1 
ATOM   193 C  CG  . ARG A 1 24 ? 0.404   3.214   -1.261  1.00 5.87  ? 420 ARG A CG  1 
ATOM   194 C  CD  . ARG A 1 24 ? -0.336  4.529   -1.379  1.00 6.94  ? 420 ARG A CD  1 
ATOM   195 N  NE  . ARG A 1 24 ? 0.570   5.631   -1.692  1.00 5.82  ? 420 ARG A NE  1 
ATOM   196 C  CZ  . ARG A 1 24 ? 0.219   6.908   -1.680  1.00 6.39  ? 420 ARG A CZ  1 
ATOM   197 N  NH1 . ARG A 1 24 ? -1.017  7.264   -1.356  1.00 7.68  ? 420 ARG A NH1 1 
ATOM   198 N  NH2 . ARG A 1 24 ? 1.107   7.829   -2.011  1.00 6.47  ? 420 ARG A NH2 1 
ATOM   199 N  N   . LYS A 1 25 ? -3.613  0.911   -0.701  1.00 7.12  ? 421 LYS A N   1 
ATOM   200 C  CA  . LYS A 1 25 ? -4.408  -0.300  -0.825  1.00 7.87  ? 421 LYS A CA  1 
ATOM   201 C  C   . LYS A 1 25 ? -3.589  -1.356  -1.543  1.00 8.39  ? 421 LYS A C   1 
ATOM   202 O  O   . LYS A 1 25 ? -2.977  -1.087  -2.582  1.00 8.36  ? 421 LYS A O   1 
ATOM   203 C  CB  . LYS A 1 25 ? -5.717  -0.023  -1.561  1.00 9.86  ? 421 LYS A CB  1 
ATOM   204 C  CG  . LYS A 1 25 ? -6.661  0.824   -0.736  1.00 9.99  ? 421 LYS A CG  1 
ATOM   205 C  CD  . LYS A 1 25 ? -8.034  0.947   -1.371  1.00 10.81 ? 421 LYS A CD  1 
ATOM   206 C  CE  . LYS A 1 25 ? -8.945  1.739   -0.449  1.00 13.76 ? 421 LYS A CE  1 
ATOM   207 N  NZ  . LYS A 1 25 ? -10.325 1.864   -0.994  1.00 19.14 ? 421 LYS A NZ  1 
ATOM   208 N  N   . LEU A 1 26 ? -3.551  -2.550  -0.958  1.00 7.68  ? 422 LEU A N   1 
ATOM   209 C  CA  . LEU A 1 26 ? -2.677  -3.596  -1.455  1.00 9.50  ? 422 LEU A CA  1 
ATOM   210 C  C   . LEU A 1 26 ? -3.058  -3.939  -2.886  1.00 8.83  ? 422 LEU A C   1 
ATOM   211 O  O   . LEU A 1 26 ? -4.236  -4.195  -3.164  1.00 10.55 ? 422 LEU A O   1 
ATOM   212 C  CB  . LEU A 1 26 ? -2.830  -4.845  -0.596  1.00 9.80  ? 422 LEU A CB  1 
ATOM   213 C  CG  . LEU A 1 26 ? -1.869  -5.975  -0.953  1.00 8.49  ? 422 LEU A CG  1 
ATOM   214 C  CD1 . LEU A 1 26 ? -0.454  -5.684  -0.437  1.00 10.52 ? 422 LEU A CD1 1 
ATOM   215 C  CD2 . LEU A 1 26 ? -2.408  -7.299  -0.443  1.00 11.38 ? 422 LEU A CD2 1 
ATOM   216 N  N   . PRO A 1 27 ? -2.109  -3.951  -3.814  1.00 10.96 ? 423 PRO A N   1 
ATOM   217 C  CA  . PRO A 1 27 ? -2.424  -4.380  -5.180  1.00 12.91 ? 423 PRO A CA  1 
ATOM   218 C  C   . PRO A 1 27 ? -2.959  -5.805  -5.187  1.00 13.00 ? 423 PRO A C   1 
ATOM   219 O  O   . PRO A 1 27 ? -2.464  -6.674  -4.468  1.00 13.60 ? 423 PRO A O   1 
ATOM   220 C  CB  . PRO A 1 27 ? -1.068  -4.290  -5.889  1.00 11.37 ? 423 PRO A CB  1 
ATOM   221 C  CG  . PRO A 1 27 ? -0.324  -3.215  -5.102  1.00 15.52 ? 423 PRO A CG  1 
ATOM   222 C  CD  . PRO A 1 27 ? -0.719  -3.481  -3.680  1.00 12.14 ? 423 PRO A CD  1 
ATOM   223 N  N   . ASP A 1 28 ? -3.990  -6.031  -5.993  1.00 14.48 ? 424 ASP A N   1 
ATOM   224 C  CA  . ASP A 1 28 ? -4.522  -7.378  -6.143  1.00 15.08 ? 424 ASP A CA  1 
ATOM   225 C  C   . ASP A 1 28 ? -3.552  -8.261  -6.918  1.00 14.78 ? 424 ASP A C   1 
ATOM   226 O  O   . ASP A 1 28 ? -2.755  -7.788  -7.732  1.00 17.13 ? 424 ASP A O   1 
ATOM   227 C  CB  . ASP A 1 28 ? -5.872  -7.334  -6.853  1.00 18.71 ? 424 ASP A CB  1 
ATOM   228 C  CG  . ASP A 1 28 ? -6.991  -6.858  -5.942  1.00 33.37 ? 424 ASP A CG  1 
ATOM   229 O  OD1 . ASP A 1 28 ? -6.811  -6.900  -4.706  1.00 38.85 ? 424 ASP A OD1 1 
ATOM   230 O  OD2 . ASP A 1 28 ? -8.049  -6.441  -6.460  1.00 37.67 ? 424 ASP A OD2 1 
ATOM   231 N  N   . GLY A 1 29 ? -3.596  -9.556  -6.620  1.00 13.29 ? 425 GLY A N   1 
ATOM   232 C  CA  . GLY A 1 29 ? -2.837  -10.535 -7.370  1.00 15.43 ? 425 GLY A CA  1 
ATOM   233 C  C   . GLY A 1 29 ? -1.369  -10.646 -7.024  1.00 13.91 ? 425 GLY A C   1 
ATOM   234 O  O   . GLY A 1 29 ? -0.624  -11.292 -7.768  1.00 16.43 ? 425 GLY A O   1 
ATOM   235 N  N   . MET A 1 30 ? -0.918  -10.039 -5.927  1.00 10.45 ? 426 MET A N   1 
ATOM   236 C  CA  . MET A 1 30 ? 0.490   -10.136 -5.557  1.00 12.89 ? 426 MET A CA  1 
ATOM   237 C  C   . MET A 1 30 ? 0.784   -11.516 -4.986  1.00 10.89 ? 426 MET A C   1 
ATOM   238 O  O   . MET A 1 30 ? 0.060   -12.006 -4.111  1.00 12.30 ? 426 MET A O   1 
ATOM   239 C  CB  . MET A 1 30 ? 0.842   -9.077  -4.521  1.00 14.45 ? 426 MET A CB  1 
ATOM   240 C  CG  . MET A 1 30 ? 0.902   -7.673  -5.057  1.00 16.49 ? 426 MET A CG  1 
ATOM   241 S  SD  . MET A 1 30 ? 1.319   -6.543  -3.725  1.00 14.81 ? 426 MET A SD  1 
ATOM   242 C  CE  . MET A 1 30 ? 3.041   -6.933  -3.404  1.00 16.93 ? 426 MET A CE  1 
ATOM   243 N  N   . ASP A 1 31 ? 1.847   -12.144 -5.477  1.00 13.03 ? 427 ASP A N   1 
ATOM   244 C  CA  . ASP A 1 31 ? 2.191   -13.480 -5.012  1.00 11.07 ? 427 ASP A CA  1 
ATOM   245 C  C   . ASP A 1 31 ? 2.919   -13.460 -3.679  1.00 11.49 ? 427 ASP A C   1 
ATOM   246 O  O   . ASP A 1 31 ? 2.934   -14.483 -2.988  1.00 11.79 ? 427 ASP A O   1 
ATOM   247 C  CB  . ASP A 1 31 ? 3.055   -14.218 -6.042  1.00 13.37 ? 427 ASP A CB  1 
ATOM   248 C  CG  . ASP A 1 31 ? 2.313   -14.508 -7.340  1.00 23.88 ? 427 ASP A CG  1 
ATOM   249 O  OD1 . ASP A 1 31 ? 1.072   -14.354 -7.393  1.00 18.62 ? 427 ASP A OD1 1 
ATOM   250 O  OD2 . ASP A 1 31 ? 2.980   -14.914 -8.315  1.00 30.94 ? 427 ASP A OD2 1 
ATOM   251 N  N   . GLN A 1 32 ? 3.533   -12.338 -3.310  1.00 11.52 ? 428 GLN A N   1 
ATOM   252 C  CA  . GLN A 1 32 ? 4.274   -12.250 -2.060  1.00 12.97 ? 428 GLN A CA  1 
ATOM   253 C  C   . GLN A 1 32 ? 4.499   -10.785 -1.730  1.00 9.99  ? 428 GLN A C   1 
ATOM   254 O  O   . GLN A 1 32 ? 4.455   -9.920  -2.609  1.00 13.56 ? 428 GLN A O   1 
ATOM   255 C  CB  . GLN A 1 32 ? 5.631   -12.951 -2.153  1.00 14.86 ? 428 GLN A CB  1 
ATOM   256 C  CG  . GLN A 1 32 ? 6.599   -12.284 -3.110  1.00 18.21 ? 428 GLN A CG  1 
ATOM   257 C  CD  . GLN A 1 32 ? 7.955   -12.966 -3.152  1.00 37.19 ? 428 GLN A CD  1 
ATOM   258 O  OE1 . GLN A 1 32 ? 8.093   -14.127 -2.764  1.00 37.86 ? 428 GLN A OE1 1 
ATOM   259 N  NE2 . GLN A 1 32 ? 8.967   -12.242 -3.623  1.00 43.19 ? 428 GLN A NE2 1 
ATOM   260 N  N   . LEU A 1 33 ? 4.741   -10.517 -0.446  1.00 9.13  ? 429 LEU A N   1 
ATOM   261 C  CA  . LEU A 1 33 ? 5.230   -9.202  -0.069  1.00 10.15 ? 429 LEU A CA  1 
ATOM   262 C  C   . LEU A 1 33 ? 6.738   -9.139  -0.279  1.00 13.55 ? 429 LEU A C   1 
ATOM   263 O  O   . LEU A 1 33 ? 7.457   -10.071 0.095   1.00 15.06 ? 429 LEU A O   1 
ATOM   264 C  CB  . LEU A 1 33 ? 4.934   -8.902  1.392   1.00 13.58 ? 429 LEU A CB  1 
ATOM   265 C  CG  . LEU A 1 33 ? 3.508   -8.543  1.774   1.00 11.52 ? 429 LEU A CG  1 
ATOM   266 C  CD1 . LEU A 1 33 ? 3.431   -8.377  3.291   1.00 10.30 ? 429 LEU A CD1 1 
ATOM   267 C  CD2 . LEU A 1 33 ? 3.079   -7.254  1.063   1.00 13.47 ? 429 LEU A CD2 1 
ATOM   268 N  N   . PRO A 1 34 ? 7.236   -8.057  -0.862  1.00 9.31  ? 430 PRO A N   1 
ATOM   269 C  CA  . PRO A 1 34 ? 8.677   -7.913  -1.075  1.00 10.31 ? 430 PRO A CA  1 
ATOM   270 C  C   . PRO A 1 34 ? 9.376   -7.455  0.199   1.00 10.68 ? 430 PRO A C   1 
ATOM   271 O  O   . PRO A 1 34 ? 8.755   -7.117  1.205   1.00 10.26 ? 430 PRO A O   1 
ATOM   272 C  CB  . PRO A 1 34 ? 8.736   -6.817  -2.137  1.00 11.72 ? 430 PRO A CB  1 
ATOM   273 C  CG  . PRO A 1 34 ? 7.553   -5.937  -1.794  1.00 15.28 ? 430 PRO A CG  1 
ATOM   274 C  CD  . PRO A 1 34 ? 6.476   -6.882  -1.330  1.00 11.80 ? 430 PRO A CD  1 
ATOM   275 N  N   . GLU A 1 35 ? 10.707  -7.432  0.127   1.00 11.74 ? 431 GLU A N   1 
ATOM   276 C  CA  . GLU A 1 35 ? 11.506  -6.988  1.268   1.00 12.80 ? 431 GLU A CA  1 
ATOM   277 C  C   . GLU A 1 35 ? 11.224  -5.527  1.608   1.00 10.01 ? 431 GLU A C   1 
ATOM   278 O  O   . GLU A 1 35 ? 11.154  -5.149  2.785   1.00 12.85 ? 431 GLU A O   1 
ATOM   279 C  CB  . GLU A 1 35 ? 12.985  -7.197  0.939   1.00 15.83 ? 431 GLU A CB  1 
ATOM   280 C  CG  . GLU A 1 35 ? 13.941  -7.047  2.104   1.00 25.57 ? 431 GLU A CG  1 
ATOM   281 C  CD  . GLU A 1 35 ? 15.391  -7.310  1.702   1.00 38.71 ? 431 GLU A CD  1 
ATOM   282 O  OE1 . GLU A 1 35 ? 15.665  -7.457  0.492   1.00 35.85 ? 431 GLU A OE1 1 
ATOM   283 O  OE2 . GLU A 1 35 ? 16.257  -7.389  2.598   1.00 41.05 ? 431 GLU A OE2 1 
ATOM   284 N  N   . LYS A 1 36 ? 11.070  -4.694  0.582   1.00 11.03 ? 432 LYS A N   1 
ATOM   285 C  CA  . LYS A 1 36 ? 10.714  -3.288  0.686   1.00 8.94  ? 432 LYS A CA  1 
ATOM   286 C  C   . LYS A 1 36 ? 9.655   -3.038  -0.373  1.00 8.62  ? 432 LYS A C   1 
ATOM   287 O  O   . LYS A 1 36 ? 9.719   -3.614  -1.460  1.00 9.82  ? 432 LYS A O   1 
ATOM   288 C  CB  . LYS A 1 36 ? 11.923  -2.418  0.336   1.00 9.47  ? 432 LYS A CB  1 
ATOM   289 C  CG  . LYS A 1 36 ? 13.094  -2.513  1.298   1.00 10.31 ? 432 LYS A CG  1 
ATOM   290 C  CD  . LYS A 1 36 ? 12.814  -1.813  2.590   1.00 13.04 ? 432 LYS A CD  1 
ATOM   291 C  CE  . LYS A 1 36 ? 14.075  -1.775  3.435   1.00 18.75 ? 432 LYS A CE  1 
ATOM   292 N  NZ  . LYS A 1 36 ? 13.883  -0.960  4.651   1.00 23.08 ? 432 LYS A NZ  1 
ATOM   293 N  N   . TRP A 1 37 ? 8.683   -2.192  -0.062  1.00 6.21  ? 433 TRP A N   1 
ATOM   294 C  CA  . TRP A 1 37 ? 7.661   -1.814  -1.028  1.00 6.68  ? 433 TRP A CA  1 
ATOM   295 C  C   . TRP A 1 37 ? 7.564   -0.298  -1.055  1.00 6.66  ? 433 TRP A C   1 
ATOM   296 O  O   . TRP A 1 37 ? 7.618   0.351   -0.003  1.00 7.07  ? 433 TRP A O   1 
ATOM   297 C  CB  . TRP A 1 37 ? 6.294   -2.406  -0.653  1.00 6.66  ? 433 TRP A CB  1 
ATOM   298 C  CG  . TRP A 1 37 ? 5.260   -2.257  -1.721  1.00 5.68  ? 433 TRP A CG  1 
ATOM   299 C  CD1 . TRP A 1 37 ? 4.984   -3.145  -2.716  1.00 7.96  ? 433 TRP A CD1 1 
ATOM   300 C  CD2 . TRP A 1 37 ? 4.378   -1.143  -1.911  1.00 5.16  ? 433 TRP A CD2 1 
ATOM   301 N  NE1 . TRP A 1 37 ? 3.974   -2.654  -3.515  1.00 7.17  ? 433 TRP A NE1 1 
ATOM   302 C  CE2 . TRP A 1 37 ? 3.588   -1.426  -3.042  1.00 7.47  ? 433 TRP A CE2 1 
ATOM   303 C  CE3 . TRP A 1 37 ? 4.181   0.068   -1.233  1.00 5.75  ? 433 TRP A CE3 1 
ATOM   304 C  CZ2 . TRP A 1 37 ? 2.609   -0.547  -3.512  1.00 7.97  ? 433 TRP A CZ2 1 
ATOM   305 C  CZ3 . TRP A 1 37 ? 3.210   0.947   -1.709  1.00 6.71  ? 433 TRP A CZ3 1 
ATOM   306 C  CH2 . TRP A 1 37 ? 2.437   0.631   -2.834  1.00 6.62  ? 433 TRP A CH2 1 
ATOM   307 N  N   . TYR A 1 38 ? 7.433   0.266   -2.250  1.00 5.66  ? 434 TYR A N   1 
ATOM   308 C  CA  . TYR A 1 38 ? 7.365   1.711   -2.429  1.00 6.83  ? 434 TYR A CA  1 
ATOM   309 C  C   . TYR A 1 38 ? 6.167   2.053   -3.295  1.00 7.17  ? 434 TYR A C   1 
ATOM   310 O  O   . TYR A 1 38 ? 5.697   1.230   -4.083  1.00 6.80  ? 434 TYR A O   1 
ATOM   311 C  CB  . TYR A 1 38 ? 8.627   2.250   -3.113  1.00 7.84  ? 434 TYR A CB  1 
ATOM   312 C  CG  . TYR A 1 38 ? 9.870   1.915   -2.340  1.00 6.91  ? 434 TYR A CG  1 
ATOM   313 C  CD1 . TYR A 1 38 ? 10.245  2.669   -1.244  1.00 7.95  ? 434 TYR A CD1 1 
ATOM   314 C  CD2 . TYR A 1 38 ? 10.657  0.828   -2.688  1.00 7.20  ? 434 TYR A CD2 1 
ATOM   315 C  CE1 . TYR A 1 38 ? 11.364  2.358   -0.514  1.00 9.08  ? 434 TYR A CE1 1 
ATOM   316 C  CE2 . TYR A 1 38 ? 11.799  0.513   -1.959  1.00 7.88  ? 434 TYR A CE2 1 
ATOM   317 C  CZ  . TYR A 1 38 ? 12.142  1.289   -0.872  1.00 7.44  ? 434 TYR A CZ  1 
ATOM   318 O  OH  . TYR A 1 38 ? 13.261  1.002   -0.115  1.00 8.62  ? 434 TYR A OH  1 
ATOM   319 N  N   . CYS A 1 39 ? 5.681   3.289   -3.149  1.00 5.90  ? 435 CYS A N   1 
ATOM   320 C  CA  . CYS A 1 39 ? 4.607   3.752   -4.021  1.00 6.18  ? 435 CYS A CA  1 
ATOM   321 C  C   . CYS A 1 39 ? 4.970   3.506   -5.474  1.00 7.57  ? 435 CYS A C   1 
ATOM   322 O  O   . CYS A 1 39 ? 4.118   3.119   -6.282  1.00 6.97  ? 435 CYS A O   1 
ATOM   323 C  CB  . CYS A 1 39 ? 4.366   5.245   -3.801  1.00 6.12  ? 435 CYS A CB  1 
ATOM   324 S  SG  . CYS A 1 39 ? 3.795   5.680   -2.139  1.00 6.70  ? 435 CYS A SG  1 
ATOM   325 N  N   . SER A 1 40 ? 6.249   3.678   -5.817  1.00 7.76  ? 436 SER A N   1 
ATOM   326 C  CA  . SER A 1 40 ? 6.695   3.478   -7.191  1.00 8.13  ? 436 SER A CA  1 
ATOM   327 C  C   . SER A 1 40 ? 6.443   2.066   -7.714  1.00 9.14  ? 436 SER A C   1 
ATOM   328 O  O   . SER A 1 40 ? 6.412   1.879   -8.937  1.00 10.20 ? 436 SER A O   1 
ATOM   329 C  CB  . SER A 1 40 ? 8.165   3.876   -7.314  1.00 9.77  ? 436 SER A CB  1 
ATOM   330 O  OG  . SER A 1 40 ? 8.925   3.230   -6.312  1.00 11.02 ? 436 SER A OG  1 
ATOM   331 N  N   . ASN A 1 41 ? 6.254   1.076   -6.833  1.00 7.42  ? 437 ASN A N   1 
ATOM   332 C  CA  . ASN A 1 41 ? 5.947   -0.294  -7.241  1.00 8.19  ? 437 ASN A CA  1 
ATOM   333 C  C   . ASN A 1 41 ? 4.485   -0.500  -7.601  1.00 9.74  ? 437 ASN A C   1 
ATOM   334 O  O   . ASN A 1 41 ? 4.137   -1.568  -8.112  1.00 10.22 ? 437 ASN A O   1 
ATOM   335 C  CB  . ASN A 1 41 ? 6.240   -1.267  -6.093  1.00 9.42  ? 437 ASN A CB  1 
ATOM   336 C  CG  . ASN A 1 41 ? 7.706   -1.424  -5.819  1.00 10.99 ? 437 ASN A CG  1 
ATOM   337 O  OD1 . ASN A 1 41 ? 8.167   -1.114  -4.727  1.00 11.62 ? 437 ASN A OD1 1 
ATOM   338 N  ND2 . ASN A 1 41 ? 8.446   -1.952  -6.787  1.00 11.47 ? 437 ASN A ND2 1 
ATOM   339 N  N   . ASN A 1 42 ? 3.625   0.462   -7.332  1.00 7.61  ? 438 ASN A N   1 
ATOM   340 C  CA  . ASN A 1 42 ? 2.193   0.202   -7.371  1.00 7.91  ? 438 ASN A CA  1 
ATOM   341 C  C   . ASN A 1 42 ? 1.725   -0.058  -8.801  1.00 7.90  ? 438 ASN A C   1 
ATOM   342 O  O   . ASN A 1 42 ? 1.970   0.765   -9.684  1.00 7.62  ? 438 ASN A O   1 
ATOM   343 C  CB  . ASN A 1 42 ? 1.464   1.412   -6.783  1.00 8.13  ? 438 ASN A CB  1 
ATOM   344 C  CG  . ASN A 1 42 ? 0.078   1.070   -6.281  1.00 7.83  ? 438 ASN A CG  1 
ATOM   345 O  OD1 . ASN A 1 42 ? -0.558  0.144   -6.769  1.00 8.09  ? 438 ASN A OD1 1 
ATOM   346 N  ND2 . ASN A 1 42 ? -0.374  1.789   -5.262  1.00 9.57  ? 438 ASN A ND2 1 
ATOM   347 N  N   . PRO A 1 43 ? 1.032   -1.173  -9.066  1.00 7.66  ? 439 PRO A N   1 
ATOM   348 C  CA  . PRO A 1 43 ? 0.432   -1.356  -10.398 1.00 8.79  ? 439 PRO A CA  1 
ATOM   349 C  C   . PRO A 1 43 ? -0.642  -0.338  -10.712 1.00 9.66  ? 439 PRO A C   1 
ATOM   350 O  O   . PRO A 1 43 ? -0.968  -0.152  -11.890 1.00 10.77 ? 439 PRO A O   1 
ATOM   351 C  CB  . PRO A 1 43 ? -0.145  -2.778  -10.342 1.00 11.09 ? 439 PRO A CB  1 
ATOM   352 C  CG  . PRO A 1 43 ? 0.605   -3.454  -9.231  1.00 12.62 ? 439 PRO A CG  1 
ATOM   353 C  CD  . PRO A 1 43 ? 0.888   -2.368  -8.222  1.00 8.47  ? 439 PRO A CD  1 
ATOM   354 N  N   . ASP A 1 44 ? -1.197  0.332   -9.696  1.00 7.65  ? 440 ASP A N   1 
ATOM   355 C  CA  . ASP A 1 44 ? -2.199  1.364   -9.911  1.00 8.86  ? 440 ASP A CA  1 
ATOM   356 C  C   . ASP A 1 44 ? -1.484  2.687   -10.150 1.00 8.32  ? 440 ASP A C   1 
ATOM   357 O  O   . ASP A 1 44 ? -0.847  3.214   -9.219  1.00 8.60  ? 440 ASP A O   1 
ATOM   358 C  CB  . ASP A 1 44 ? -3.116  1.458   -8.702  1.00 9.72  ? 440 ASP A CB  1 
ATOM   359 C  CG  . ASP A 1 44 ? -4.229  2.467   -8.877  1.00 9.83  ? 440 ASP A CG  1 
ATOM   360 O  OD1 . ASP A 1 44 ? -4.164  3.311   -9.797  1.00 9.92  ? 440 ASP A OD1 1 
ATOM   361 O  OD2 . ASP A 1 44 ? -5.209  2.379   -8.106  1.00 13.05 ? 440 ASP A OD2 1 
ATOM   362 N  N   . PRO A 1 45 ? -1.567  3.261   -11.355 1.00 7.61  ? 441 PRO A N   1 
ATOM   363 C  CA  . PRO A 1 45 ? -0.822  4.492   -11.652 1.00 9.64  ? 441 PRO A CA  1 
ATOM   364 C  C   . PRO A 1 45 ? -1.277  5.701   -10.868 1.00 8.21  ? 441 PRO A C   1 
ATOM   365 O  O   . PRO A 1 45 ? -0.542  6.697   -10.847 1.00 9.87  ? 441 PRO A O   1 
ATOM   366 C  CB  . PRO A 1 45 ? -1.055  4.691   -13.158 1.00 8.76  ? 441 PRO A CB  1 
ATOM   367 C  CG  . PRO A 1 45 ? -2.333  3.953   -13.426 1.00 10.81 ? 441 PRO A CG  1 
ATOM   368 C  CD  . PRO A 1 45 ? -2.331  2.776   -12.517 1.00 8.53  ? 441 PRO A CD  1 
ATOM   369 N  N   . GLN A 1 46 ? -2.442  5.660   -10.212 1.00 6.78  ? 442 GLN A N   1 
ATOM   370 C  CA  . GLN A 1 46 ? -2.861  6.802   -9.408  1.00 8.64  ? 442 GLN A CA  1 
ATOM   371 C  C   . GLN A 1 46 ? -2.202  6.842   -8.037  1.00 8.79  ? 442 GLN A C   1 
ATOM   372 O  O   . GLN A 1 46 ? -2.297  7.868   -7.359  1.00 8.86  ? 442 GLN A O   1 
ATOM   373 C  CB  . GLN A 1 46 ? -4.373  6.833   -9.202  1.00 8.69  ? 442 GLN A CB  1 
ATOM   374 C  CG  . GLN A 1 46 ? -5.202  6.819   -10.465 1.00 11.14 ? 442 GLN A CG  1 
ATOM   375 C  CD  . GLN A 1 46 ? -6.657  7.089   -10.175 1.00 12.78 ? 442 GLN A CD  1 
ATOM   376 O  OE1 . GLN A 1 46 ? -7.011  7.599   -9.113  1.00 25.41 ? 442 GLN A OE1 1 
ATOM   377 N  NE2 . GLN A 1 46 ? -7.511  6.564   -11.022 1.00 12.70 ? 442 GLN A NE2 1 
ATOM   378 N  N   . PHE A 1 47 ? -1.544  5.767   -7.606  1.00 7.29  ? 443 PHE A N   1 
ATOM   379 C  CA  . PHE A 1 47 ? -0.947  5.728   -6.273  1.00 7.59  ? 443 PHE A CA  1 
ATOM   380 C  C   . PHE A 1 47 ? 0.496   5.276   -6.348  1.00 9.59  ? 443 PHE A C   1 
ATOM   381 O  O   . PHE A 1 47 ? 0.969   4.477   -5.531  1.00 9.57  ? 443 PHE A O   1 
ATOM   382 C  CB  . PHE A 1 47 ? -1.781  4.864   -5.330  1.00 6.88  ? 443 PHE A CB  1 
ATOM   383 C  CG  . PHE A 1 47 ? -3.165  5.396   -5.128  1.00 8.14  ? 443 PHE A CG  1 
ATOM   384 C  CD1 . PHE A 1 47 ? -3.387  6.467   -4.275  1.00 10.97 ? 443 PHE A CD1 1 
ATOM   385 C  CD2 . PHE A 1 47 ? -4.237  4.866   -5.822  1.00 8.76  ? 443 PHE A CD2 1 
ATOM   386 C  CE1 . PHE A 1 47 ? -4.659  6.988   -4.109  1.00 10.09 ? 443 PHE A CE1 1 
ATOM   387 C  CE2 . PHE A 1 47 ? -5.514  5.388   -5.654  1.00 10.72 ? 443 PHE A CE2 1 
ATOM   388 C  CZ  . PHE A 1 47 ? -5.721  6.442   -4.795  1.00 11.99 ? 443 PHE A CZ  1 
ATOM   389 N  N   . ARG A 1 48 ? 1.217   5.823   -7.323  1.00 7.34  ? 444 ARG A N   1 
ATOM   390 C  CA  . ARG A 1 48 ? 2.558   5.400   -7.682  1.00 7.77  ? 444 ARG A CA  1 
ATOM   391 C  C   . ARG A 1 48 ? 3.604   6.444   -7.327  1.00 9.37  ? 444 ARG A C   1 
ATOM   392 O  O   . ARG A 1 48 ? 4.802   6.211   -7.517  1.00 11.62 ? 444 ARG A O   1 
ATOM   393 C  CB  . ARG A 1 48 ? 2.556   5.092   -9.189  1.00 12.99 ? 444 ARG A CB  1 
ATOM   394 C  CG  . ARG A 1 48 ? 3.832   4.563   -9.800  1.00 14.66 ? 444 ARG A CG  1 
ATOM   395 C  CD  . ARG A 1 48 ? 3.568   4.240   -11.260 1.00 12.66 ? 444 ARG A CD  1 
ATOM   396 N  NE  . ARG A 1 48 ? 2.736   3.056   -11.363 1.00 11.75 ? 444 ARG A NE  1 
ATOM   397 C  CZ  . ARG A 1 48 ? 2.158   2.623   -12.478 1.00 9.92  ? 444 ARG A CZ  1 
ATOM   398 N  NH1 . ARG A 1 48 ? 2.284   3.294   -13.619 1.00 10.84 ? 444 ARG A NH1 1 
ATOM   399 N  NH2 . ARG A 1 48 ? 1.442   1.518   -12.437 1.00 10.91 ? 444 ARG A NH2 1 
ATOM   400 N  N   . ASN A 1 49 ? 3.188   7.578   -6.780  1.00 8.96  ? 445 ASN A N   1 
ATOM   401 C  CA  . ASN A 1 49 ? 4.104   8.625   -6.365  1.00 10.79 ? 445 ASN A CA  1 
ATOM   402 C  C   . ASN A 1 49 ? 3.860   8.917   -4.896  1.00 9.29  ? 445 ASN A C   1 
ATOM   403 O  O   . ASN A 1 49 ? 2.711   8.966   -4.448  1.00 8.17  ? 445 ASN A O   1 
ATOM   404 C  CB  . ASN A 1 49 ? 3.903   9.890   -7.207  1.00 13.31 ? 445 ASN A CB  1 
ATOM   405 C  CG  . ASN A 1 49 ? 5.017   10.895  -7.018  1.00 18.31 ? 445 ASN A CG  1 
ATOM   406 O  OD1 . ASN A 1 49 ? 5.128   11.532  -5.968  1.00 16.22 ? 445 ASN A OD1 1 
ATOM   407 N  ND2 . ASN A 1 49 ? 5.865   11.032  -8.031  1.00 29.35 ? 445 ASN A ND2 1 
ATOM   408 N  N   . CYS A 1 50 ? 4.950   9.099   -4.147  1.00 7.42  ? 446 CYS A N   1 
ATOM   409 C  CA  . CYS A 1 50 ? 4.838   9.347   -2.718  1.00 7.96  ? 446 CYS A CA  1 
ATOM   410 C  C   . CYS A 1 50 ? 4.045   10.607  -2.407  1.00 8.75  ? 446 CYS A C   1 
ATOM   411 O  O   . CYS A 1 50 ? 3.524   10.736  -1.299  1.00 9.98  ? 446 CYS A O   1 
ATOM   412 C  CB  . CYS A 1 50 ? 6.229   9.429   -2.093  1.00 8.43  ? 446 CYS A CB  1 
ATOM   413 S  SG  . CYS A 1 50 ? 7.101   7.852   -2.086  1.00 7.97  ? 446 CYS A SG  1 
ATOM   414 N  N   . GLU A 1 51 ? 3.927   11.533  -3.355  1.00 7.93  ? 447 GLU A N   1 
ATOM   415 C  CA  . GLU A 1 51 ? 3.192   12.763  -3.096  1.00 10.21 ? 447 GLU A CA  1 
ATOM   416 C  C   . GLU A 1 51 ? 1.681   12.582  -3.148  1.00 10.11 ? 447 GLU A C   1 
ATOM   417 O  O   . GLU A 1 51 ? 0.958   13.457  -2.662  1.00 12.41 ? 447 GLU A O   1 
ATOM   418 C  CB  . GLU A 1 51 ? 3.620   13.852  -4.078  1.00 11.70 ? 447 GLU A CB  1 
ATOM   419 C  CG  . GLU A 1 51 ? 5.098   14.191  -3.988  1.00 18.94 ? 447 GLU A CG  1 
ATOM   420 C  CD  . GLU A 1 51 ? 5.530   14.555  -2.580  1.00 36.70 ? 447 GLU A CD  1 
ATOM   421 O  OE1 . GLU A 1 51 ? 4.782   15.285  -1.894  1.00 35.87 ? 447 GLU A OE1 1 
ATOM   422 O  OE2 . GLU A 1 51 ? 6.612   14.099  -2.151  1.00 43.53 ? 447 GLU A OE2 1 
ATOM   423 N  N   . VAL A 1 52 ? 1.184   11.484  -3.704  1.00 7.99  ? 448 VAL A N   1 
ATOM   424 C  CA  . VAL A 1 52 ? -0.272  11.300  -3.757  1.00 8.00  ? 448 VAL A CA  1 
ATOM   425 C  C   . VAL A 1 52 ? -0.806  11.107  -2.341  1.00 8.91  ? 448 VAL A C   1 
ATOM   426 O  O   . VAL A 1 52 ? -0.311  10.232  -1.607  1.00 7.07  ? 448 VAL A O   1 
ATOM   427 C  CB  . VAL A 1 52 ? -0.632  10.100  -4.634  1.00 6.99  ? 448 VAL A CB  1 
ATOM   428 C  CG1 . VAL A 1 52 ? -2.141  9.868   -4.603  1.00 7.82  ? 448 VAL A CG1 1 
ATOM   429 C  CG2 . VAL A 1 52 ? -0.170  10.317  -6.060  1.00 8.57  ? 448 VAL A CG2 1 
ATOM   430 N  N   . PRO A 1 53 ? -1.803  11.877  -1.912  1.00 7.12  ? 449 PRO A N   1 
ATOM   431 C  CA  . PRO A 1 53 ? -2.333  11.696  -0.555  1.00 8.85  ? 449 PRO A CA  1 
ATOM   432 C  C   . PRO A 1 53 ? -2.799  10.267  -0.297  1.00 7.26  ? 449 PRO A C   1 
ATOM   433 O  O   . PRO A 1 53 ? -3.225  9.544   -1.201  1.00 8.02  ? 449 PRO A O   1 
ATOM   434 C  CB  . PRO A 1 53 ? -3.503  12.686  -0.496  1.00 8.94  ? 449 PRO A CB  1 
ATOM   435 C  CG  . PRO A 1 53 ? -3.111  13.766  -1.463  1.00 9.26  ? 449 PRO A CG  1 
ATOM   436 C  CD  . PRO A 1 53 ? -2.421  13.031  -2.597  1.00 8.35  ? 449 PRO A CD  1 
ATOM   437 N  N   . GLU A 1 54 ? -2.699  9.858   0.963   1.00 8.04  ? 450 GLU A N   1 
ATOM   438 C  CA  . GLU A 1 54 ? -3.153  8.539   1.373   1.00 8.40  ? 450 GLU A CA  1 
ATOM   439 C  C   . GLU A 1 54 ? -4.680  8.465   1.339   1.00 10.47 ? 450 GLU A C   1 
ATOM   440 O  O   . GLU A 1 54 ? -5.373  9.375   1.816   1.00 11.20 ? 450 GLU A O   1 
ATOM   441 C  CB  . GLU A 1 54 ? -2.609  8.242   2.774   1.00 11.16 ? 450 GLU A CB  1 
ATOM   442 C  CG  . GLU A 1 54 ? -3.238  7.058   3.501   1.00 13.40 ? 450 GLU A CG  1 
ATOM   443 C  CD  . GLU A 1 54 ? -2.466  6.617   4.750   1.00 18.90 ? 450 GLU A CD  1 
ATOM   444 O  OE1 . GLU A 1 54 ? -1.231  6.813   4.852   1.00 10.99 ? 450 GLU A OE1 1 
ATOM   445 O  OE2 . GLU A 1 54 ? -3.126  6.098   5.675   1.00 34.13 ? 450 GLU A OE2 1 
ATOM   446 N  N   . GLU A 1 55 ? -5.198  7.396   0.736   1.00 10.44 ? 451 GLU A N   1 
ATOM   447 C  CA  . GLU A 1 55 ? -6.627  7.124   0.716   1.00 12.32 ? 451 GLU A CA  1 
ATOM   448 C  C   . GLU A 1 55 ? -7.150  6.873   2.127   1.00 13.08 ? 451 GLU A C   1 
ATOM   449 O  O   . GLU A 1 55 ? -6.417  6.377   2.988   1.00 15.42 ? 451 GLU A O   1 
ATOM   450 C  CB  . GLU A 1 55 ? -6.906  5.871   -0.114  1.00 12.66 ? 451 GLU A CB  1 
ATOM   451 C  CG  . GLU A 1 55 ? -7.278  6.182   -1.535  1.00 26.17 ? 451 GLU A CG  1 
ATOM   452 C  CD  . GLU A 1 55 ? -7.534  4.942   -2.381  1.00 12.68 ? 451 GLU A CD  1 
ATOM   453 O  OE1 . GLU A 1 55 ? -6.747  3.960   -2.392  1.00 10.62 ? 451 GLU A OE1 1 
ATOM   454 O  OE2 . GLU A 1 55 ? -8.630  4.919   -2.967  1.00 16.75 ? 451 GLU A OE2 1 
ATOM   455 N  N   . PRO A 1 56 ? -8.423  7.185   2.385   1.00 13.81 ? 452 PRO A N   1 
ATOM   456 C  CA  . PRO A 1 56 ? -8.983  6.987   3.731   1.00 16.68 ? 452 PRO A CA  1 
ATOM   457 C  C   . PRO A 1 56 ? -9.195  5.516   4.090   1.00 28.08 ? 452 PRO A C   1 
ATOM   458 O  O   . PRO A 1 56 ? -9.042  4.612   3.271   1.00 33.71 ? 452 PRO A O   1 
ATOM   459 C  CB  . PRO A 1 56 ? -10.310 7.754   3.676   1.00 18.51 ? 452 PRO A CB  1 
ATOM   460 C  CG  . PRO A 1 56 ? -10.645 7.853   2.232   1.00 26.59 ? 452 PRO A CG  1 
ATOM   461 C  CD  . PRO A 1 56 ? -9.327  7.955   1.516   1.00 16.23 ? 452 PRO A CD  1 
ATOM   462 N  N   A GLU A 1 57 ? -9.602  5.303   5.342   0.63 32.62 ? 453 GLU A N   1 
ATOM   463 N  N   B GLU A 1 57 ? -9.506  5.317   5.375   0.37 32.50 ? 453 GLU A N   1 
ATOM   464 C  CA  A GLU A 1 57 ? -10.066 4.000   5.859   0.63 33.68 ? 453 GLU A CA  1 
ATOM   465 C  CA  B GLU A 1 57 ? -9.691  4.022   6.066   0.37 33.90 ? 453 GLU A CA  1 
ATOM   466 C  C   A GLU A 1 57 ? -8.931  3.020   6.169   0.63 25.55 ? 453 GLU A C   1 
ATOM   467 C  C   B GLU A 1 57 ? -8.563  2.995   5.936   0.37 26.00 ? 453 GLU A C   1 
ATOM   468 O  O   A GLU A 1 57 ? -9.094  2.108   6.987   0.63 31.39 ? 453 GLU A O   1 
ATOM   469 O  O   B GLU A 1 57 ? -8.401  2.137   6.811   0.37 33.99 ? 453 GLU A O   1 
ATOM   470 C  CB  A GLU A 1 57 ? -11.102 3.352   4.924   0.63 32.32 ? 453 GLU A CB  1 
ATOM   471 C  CB  B GLU A 1 57 ? -11.061 3.384   5.771   0.37 30.10 ? 453 GLU A CB  1 
ATOM   472 C  CG  A GLU A 1 57 ? -12.216 4.295   4.474   0.63 29.82 ? 453 GLU A CG  1 
ATOM   473 C  CG  B GLU A 1 57 ? -11.333 3.042   4.321   0.37 33.27 ? 453 GLU A CG  1 
ATOM   474 C  CD  A GLU A 1 57 ? -13.555 3.603   4.301   0.63 35.71 ? 453 GLU A CD  1 
ATOM   475 C  CD  B GLU A 1 57 ? -12.630 3.636   3.826   0.37 29.85 ? 453 GLU A CD  1 
ATOM   476 O  OE1 A GLU A 1 57 ? -14.099 3.083   5.300   0.63 29.35 ? 453 GLU A OE1 1 
ATOM   477 O  OE1 B GLU A 1 57 ? -13.620 2.886   3.706   0.37 37.87 ? 453 GLU A OE1 1 
ATOM   478 O  OE2 A GLU A 1 57 ? -14.067 3.583   3.160   0.63 32.97 ? 453 GLU A OE2 1 
ATOM   479 O  OE2 B GLU A 1 57 ? -12.663 4.861   3.580   0.37 28.64 ? 453 GLU A OE2 1 
HETATM 480 ZN ZN  . ZN  B 2 .  ? 5.633   6.491   -0.932  0.79 8.32  ? 501 ZN  A ZN  1 
HETATM 481 O  O   . HOH C 3 .  ? 6.983   6.993   -7.361  1.00 33.17 ? 601 HOH A O   1 
HETATM 482 O  O   . HOH C 3 .  ? -6.044  5.666   5.235   1.00 31.61 ? 602 HOH A O   1 
HETATM 483 O  O   . HOH C 3 .  ? -10.860 -2.639  5.515   1.00 17.05 ? 603 HOH A O   1 
HETATM 484 O  O   . HOH C 3 .  ? -13.535 0.813   5.840   1.00 26.50 ? 604 HOH A O   1 
HETATM 485 O  O   . HOH C 3 .  ? 8.354   12.442  -2.075  1.00 33.33 ? 605 HOH A O   1 
HETATM 486 O  O   . HOH C 3 .  ? -12.664 -1.060  1.446   1.00 30.43 ? 606 HOH A O   1 
HETATM 487 O  O   . HOH C 3 .  ? 9.348   -11.759 6.618   1.00 27.67 ? 607 HOH A O   1 
HETATM 488 O  O   . HOH C 3 .  ? -14.368 6.735   3.533   1.00 29.48 ? 608 HOH A O   1 
HETATM 489 O  O   . HOH C 3 .  ? -10.397 3.116   -3.212  1.00 22.46 ? 609 HOH A O   1 
HETATM 490 O  O   . HOH C 3 .  ? -3.697  4.899   7.869   1.00 35.48 ? 610 HOH A O   1 
HETATM 491 O  O   . HOH C 3 .  ? 14.938  -0.598  -1.295  1.00 12.42 ? 611 HOH A O   1 
HETATM 492 O  O   . HOH C 3 .  ? 8.600   -9.753  -4.291  1.00 29.41 ? 612 HOH A O   1 
HETATM 493 O  O   . HOH C 3 .  ? 12.061  -1.697  6.374   1.00 33.38 ? 613 HOH A O   1 
HETATM 494 O  O   . HOH C 3 .  ? 0.976   -7.209  8.589   1.00 15.90 ? 614 HOH A O   1 
HETATM 495 O  O   . HOH C 3 .  ? -6.417  -8.814  -2.941  1.00 23.42 ? 615 HOH A O   1 
HETATM 496 O  O   . HOH C 3 .  ? -16.577 -4.872  9.069   1.00 16.41 ? 616 HOH A O   1 
HETATM 497 O  O   . HOH C 3 .  ? 10.029  -3.220  -4.054  1.00 24.37 ? 617 HOH A O   1 
HETATM 498 O  O   . HOH C 3 .  ? 12.062  -4.931  5.261   1.00 30.13 ? 618 HOH A O   1 
HETATM 499 O  O   . HOH C 3 .  ? 11.206  1.860   5.649   1.00 9.77  ? 619 HOH A O   1 
HETATM 500 O  O   . HOH C 3 .  ? 5.510   -7.499  7.111   1.00 21.69 ? 620 HOH A O   1 
HETATM 501 O  O   . HOH C 3 .  ? -6.101  -6.079  -2.258  1.00 16.50 ? 621 HOH A O   1 
HETATM 502 O  O   . HOH C 3 .  ? 4.354   -3.296  -10.146 1.00 20.94 ? 622 HOH A O   1 
HETATM 503 O  O   . HOH C 3 .  ? 6.320   1.284   9.839   1.00 13.94 ? 623 HOH A O   1 
HETATM 504 O  O   . HOH C 3 .  ? -4.132  3.462   -2.040  1.00 6.90  ? 624 HOH A O   1 
HETATM 505 O  O   . HOH C 3 .  ? 6.042   -8.725  -4.418  1.00 21.80 ? 625 HOH A O   1 
HETATM 506 O  O   . HOH C 3 .  ? -7.542  3.633   -8.559  1.00 21.33 ? 626 HOH A O   1 
HETATM 507 O  O   . HOH C 3 .  ? -6.076  -4.499  11.736  1.00 22.12 ? 627 HOH A O   1 
HETATM 508 O  O   . HOH C 3 .  ? -5.117  1.227   -5.671  1.00 13.66 ? 628 HOH A O   1 
HETATM 509 O  O   . HOH C 3 .  ? -3.179  10.163  -8.480  1.00 13.19 ? 629 HOH A O   1 
HETATM 510 O  O   . HOH C 3 .  ? 15.145  -0.962  7.041   1.00 26.99 ? 630 HOH A O   1 
HETATM 511 O  O   . HOH C 3 .  ? -6.094  3.919   -11.590 1.00 14.74 ? 631 HOH A O   1 
HETATM 512 O  O   . HOH C 3 .  ? 6.859   -1.268  4.135   1.00 9.10  ? 632 HOH A O   1 
HETATM 513 O  O   . HOH C 3 .  ? 0.496   14.459  -0.179  1.00 28.70 ? 633 HOH A O   1 
HETATM 514 O  O   . HOH C 3 .  ? 4.576   10.913  3.537   1.00 11.48 ? 634 HOH A O   1 
HETATM 515 O  O   . HOH C 3 .  ? 7.685   -4.535  8.312   1.00 26.40 ? 635 HOH A O   1 
HETATM 516 O  O   . HOH C 3 .  ? 12.694  -9.166  5.102   1.00 32.43 ? 636 HOH A O   1 
HETATM 517 O  O   . HOH C 3 .  ? 1.137   -3.399  10.588  1.00 22.80 ? 637 HOH A O   1 
HETATM 518 O  O   . HOH C 3 .  ? -2.450  -9.268  -3.582  1.00 12.80 ? 638 HOH A O   1 
HETATM 519 O  O   . HOH C 3 .  ? -15.182 -7.614  6.600   1.00 30.26 ? 639 HOH A O   1 
HETATM 520 O  O   . HOH C 3 .  ? -7.394  2.413   -4.573  1.00 14.18 ? 640 HOH A O   1 
HETATM 521 O  O   . HOH C 3 .  ? 6.942   3.759   -10.879 1.00 9.84  ? 641 HOH A O   1 
HETATM 522 O  O   . HOH C 3 .  ? -11.131 -0.996  -0.610  1.00 20.80 ? 642 HOH A O   1 
HETATM 523 O  O   . HOH C 3 .  ? -7.750  -8.115  3.905   1.00 12.20 ? 643 HOH A O   1 
HETATM 524 O  O   . HOH C 3 .  ? -8.878  -2.363  -3.586  1.00 35.04 ? 644 HOH A O   1 
HETATM 525 O  O   . HOH C 3 .  ? -3.274  5.500   -0.358  1.00 7.54  ? 645 HOH A O   1 
HETATM 526 O  O   . HOH C 3 .  ? 0.756   8.322   -8.997  1.00 12.59 ? 646 HOH A O   1 
HETATM 527 O  O   . HOH C 3 .  ? -2.823  -5.427  -9.212  1.00 28.05 ? 647 HOH A O   1 
HETATM 528 O  O   . HOH C 3 .  ? -8.542  5.952   -7.462  1.00 28.82 ? 648 HOH A O   1 
HETATM 529 O  O   . HOH C 3 .  ? -3.532  -0.944  -12.664 1.00 25.96 ? 649 HOH A O   1 
HETATM 530 O  O   . HOH C 3 .  ? -2.929  -1.322  -6.601  1.00 17.63 ? 650 HOH A O   1 
HETATM 531 O  O   . HOH C 3 .  ? 7.382   0.188   6.579   1.00 10.63 ? 651 HOH A O   1 
HETATM 532 O  O   . HOH C 3 .  ? -9.036  9.454   -8.573  1.00 13.83 ? 652 HOH A O   1 
HETATM 533 O  O   . HOH C 3 .  ? -6.443  -3.103  -4.496  1.00 30.43 ? 653 HOH A O   1 
HETATM 534 O  O   . HOH C 3 .  ? -5.010  -11.426 -5.034  1.00 18.40 ? 654 HOH A O   1 
HETATM 535 O  O   . HOH C 3 .  ? -5.869  -0.980  10.389  1.00 23.97 ? 655 HOH A O   1 
HETATM 536 O  O   . HOH C 3 .  ? -13.292 2.673   0.582   1.00 33.32 ? 656 HOH A O   1 
HETATM 537 O  O   . HOH C 3 .  ? 3.279   9.033   5.975   1.00 12.89 ? 657 HOH A O   1 
HETATM 538 O  O   . HOH C 3 .  ? 1.622   7.451   -12.536 1.00 17.40 ? 658 HOH A O   1 
HETATM 539 O  O   . HOH C 3 .  ? -1.656  3.248   10.127  1.00 32.21 ? 659 HOH A O   1 
HETATM 540 O  O   . HOH C 3 .  ? 10.215  -3.008  4.831   1.00 24.59 ? 660 HOH A O   1 
HETATM 541 O  O   . HOH C 3 .  ? 0.890   7.338   6.698   1.00 16.32 ? 661 HOH A O   1 
HETATM 542 O  O   . HOH C 3 .  ? -10.895 -6.542  -6.772  1.00 42.92 ? 662 HOH A O   1 
HETATM 543 O  O   . HOH C 3 .  ? -6.660  -0.001  -8.767  1.00 33.11 ? 663 HOH A O   1 
HETATM 544 O  O   . HOH C 3 .  ? -10.282 6.498   -10.275 1.00 16.92 ? 664 HOH A O   1 
HETATM 545 O  O   . HOH C 3 .  ? 6.839   6.360   -9.534  1.00 20.06 ? 665 HOH A O   1 
HETATM 546 O  O   . HOH C 3 .  ? -10.508 6.133   -1.167  1.00 27.54 ? 666 HOH A O   1 
HETATM 547 O  O   . HOH C 3 .  ? -3.382  -5.555  10.635  1.00 18.76 ? 667 HOH A O   1 
HETATM 548 O  O   . HOH C 3 .  ? 3.318   -3.985  -6.000  1.00 16.51 ? 668 HOH A O   1 
HETATM 549 O  O   . HOH C 3 .  ? -1.948  11.857  2.919   1.00 14.73 ? 669 HOH A O   1 
HETATM 550 O  O   . HOH C 3 .  ? -7.683  11.123  1.873   1.00 19.65 ? 670 HOH A O   1 
HETATM 551 O  O   . HOH C 3 .  ? 11.255  -1.832  -6.076  1.00 25.37 ? 671 HOH A O   1 
HETATM 552 O  O   . HOH C 3 .  ? -6.772  -6.825  0.490   1.00 11.37 ? 672 HOH A O   1 
HETATM 553 O  O   . HOH C 3 .  ? -5.755  -4.111  -7.280  1.00 25.54 ? 673 HOH A O   1 
HETATM 554 O  O   . HOH C 3 .  ? -2.950  1.490   -3.940  1.00 8.24  ? 674 HOH A O   1 
HETATM 555 O  O   . HOH C 3 .  ? -9.664  -0.287  4.739   1.00 13.62 ? 675 HOH A O   1 
HETATM 556 O  O   . HOH C 3 .  ? -8.103  0.640   9.818   1.00 30.86 ? 676 HOH A O   1 
HETATM 557 O  O   . HOH C 3 .  ? 7.320   -3.440  -9.028  1.00 18.80 ? 677 HOH A O   1 
HETATM 558 O  O   . HOH C 3 .  ? 7.501   8.758   -5.538  1.00 21.71 ? 678 HOH A O   1 
HETATM 559 O  O   . HOH C 3 .  ? -11.728 0.033   7.717   1.00 16.94 ? 679 HOH A O   1 
HETATM 560 O  O   . HOH C 3 .  ? 14.867  -7.147  5.166   1.00 35.83 ? 680 HOH A O   1 
HETATM 561 O  O   . HOH C 3 .  ? -1.169  -13.325 -9.855  1.00 34.91 ? 681 HOH A O   1 
HETATM 562 O  O   . HOH C 3 .  ? 3.169   -10.948 -7.863  1.00 28.11 ? 682 HOH A O   1 
HETATM 563 O  O   . HOH C 3 .  ? 5.063   -16.526 -3.517  1.00 28.54 ? 683 HOH A O   1 
HETATM 564 O  O   . HOH C 3 .  ? -7.621  6.755   7.217   1.00 33.74 ? 684 HOH A O   1 
HETATM 565 O  O   . HOH C 3 .  ? 3.432   -6.265  8.504   1.00 15.97 ? 685 HOH A O   1 
HETATM 566 O  O   . HOH C 3 .  ? 15.933  -4.419  3.032   1.00 33.13 ? 686 HOH A O   1 
HETATM 567 O  O   . HOH C 3 .  ? -9.317  6.826   -5.214  1.00 26.97 ? 687 HOH A O   1 
HETATM 568 O  O   . HOH C 3 .  ? -5.087  3.310   5.852   1.00 29.63 ? 688 HOH A O   1 
HETATM 569 O  O   . HOH C 3 .  ? 8.508   -12.775 4.668   1.00 33.13 ? 689 HOH A O   1 
HETATM 570 O  O   . HOH C 3 .  ? -6.490  1.960   9.214   1.00 29.70 ? 690 HOH A O   1 
HETATM 571 O  O   . HOH C 3 .  ? 7.114   -12.144 2.343   1.00 24.66 ? 691 HOH A O   1 
HETATM 572 O  O   . HOH C 3 .  ? 5.716   8.854   -10.202 1.00 35.29 ? 692 HOH A O   1 
HETATM 573 O  O   . HOH C 3 .  ? -10.860 4.349   0.762   1.00 38.83 ? 693 HOH A O   1 
HETATM 574 O  O   . HOH C 3 .  ? 7.952   11.884  -4.668  1.00 31.93 ? 694 HOH A O   1 
HETATM 575 O  O   . HOH C 3 .  ? -0.662  -1.759  12.080  1.00 25.42 ? 695 HOH A O   1 
HETATM 576 O  O   . HOH C 3 .  ? -8.942  4.047   -6.010  1.00 35.23 ? 696 HOH A O   1 
HETATM 577 O  O   . HOH C 3 .  ? -2.082  8.093   7.957   1.00 37.98 ? 697 HOH A O   1 
HETATM 578 O  O   . HOH C 3 .  ? 16.130  -4.323  -0.105  1.00 25.63 ? 698 HOH A O   1 
HETATM 579 O  O   . HOH C 3 .  ? -13.994 -1.119  11.612  1.00 34.95 ? 699 HOH A O   1 
HETATM 580 O  O   . HOH C 3 .  ? 6.603   -15.112 -5.590  1.00 36.90 ? 700 HOH A O   1 
HETATM 581 O  O   . HOH C 3 .  ? 12.543  -5.077  -2.547  1.00 30.25 ? 701 HOH A O   1 
HETATM 582 O  O   . HOH C 3 .  ? -5.015  -1.005  -5.278  1.00 34.26 ? 702 HOH A O   1 
HETATM 583 O  O   . HOH C 3 .  ? 0.121   9.011   -13.237 1.00 29.52 ? 703 HOH A O   1 
HETATM 584 O  O   . HOH C 3 .  ? 14.100  -4.678  -0.994  1.00 30.01 ? 704 HOH A O   1 
HETATM 585 O  O   . HOH C 3 .  ? -1.046  -7.493  9.369   1.00 23.57 ? 705 HOH A O   1 
HETATM 586 O  O   . HOH C 3 .  ? 9.655   -4.901  -8.219  1.00 28.86 ? 706 HOH A O   1 
HETATM 587 O  O   . HOH C 3 .  ? 1.492   -1.777  -13.829 1.00 29.39 ? 707 HOH A O   1 
HETATM 588 O  O   . HOH C 3 .  ? -11.049 0.215   2.477   1.00 32.71 ? 708 HOH A O   1 
HETATM 589 O  O   . HOH C 3 .  ? 2.953   17.238  -4.336  1.00 34.06 ? 709 HOH A O   1 
HETATM 590 O  O   . HOH C 3 .  ? 11.756  -12.288 6.801   1.00 35.11 ? 710 HOH A O   1 
HETATM 591 O  O   . HOH C 3 .  ? 1.306   -9.511  8.475   1.00 24.51 ? 711 HOH A O   1 
HETATM 592 O  O   . HOH C 3 .  ? -7.841  -0.191  12.363  1.00 29.67 ? 712 HOH A O   1 
HETATM 593 O  O   . HOH C 3 .  ? 9.504   1.544   7.805   1.00 11.96 ? 713 HOH A O   1 
HETATM 594 O  O   . HOH C 3 .  ? -1.025  14.163  2.011   1.00 26.37 ? 714 HOH A O   1 
HETATM 595 O  O   . HOH C 3 .  ? -6.190  4.721   9.250   1.00 32.67 ? 715 HOH A O   1 
HETATM 596 O  O   . HOH C 3 .  ? 3.240   11.585  -10.769 1.00 29.59 ? 716 HOH A O   1 
HETATM 597 O  O   . HOH C 3 .  ? -12.216 1.112   10.230  1.00 34.73 ? 717 HOH A O   1 
HETATM 598 O  O   . HOH C 3 .  ? -7.950  9.537   -1.041  1.00 30.85 ? 718 HOH A O   1 
HETATM 599 O  O   . HOH C 3 .  ? 8.998   -5.554  -5.417  1.00 22.15 ? 719 HOH A O   1 
HETATM 600 O  O   . HOH C 3 .  ? -2.948  10.136  6.100   1.00 35.42 ? 720 HOH A O   1 
HETATM 601 O  O   . HOH C 3 .  ? 3.016   8.735   -10.611 1.00 19.92 ? 721 HOH A O   1 
HETATM 602 O  O   . HOH C 3 .  ? 6.705   12.302  1.825   1.00 23.29 ? 722 HOH A O   1 
HETATM 603 O  O   . HOH C 3 .  ? -0.885  -6.135  -10.888 1.00 32.39 ? 723 HOH A O   1 
HETATM 604 O  O   . HOH C 3 .  ? 6.856   -2.548  11.998  1.00 29.58 ? 724 HOH A O   1 
HETATM 605 O  O   . HOH C 3 .  ? 8.561   -1.921  7.893   1.00 23.00 ? 725 HOH A O   1 
HETATM 606 O  O   . HOH C 3 .  ? -3.562  -2.871  -8.589  1.00 26.41 ? 726 HOH A O   1 
HETATM 607 O  O   . HOH C 3 .  ? 6.337   -12.499 -6.818  1.00 36.17 ? 727 HOH A O   1 
HETATM 608 O  O   . HOH C 3 .  ? 6.247   -5.817  -4.948  1.00 22.42 ? 728 HOH A O   1 
HETATM 609 O  O   . HOH C 3 .  ? -6.148  -5.430  -10.027 1.00 39.48 ? 729 HOH A O   1 
HETATM 610 O  O   . HOH C 3 .  ? -0.572  -3.434  -14.722 1.00 37.69 ? 730 HOH A O   1 
HETATM 611 O  O   . HOH C 3 .  ? 2.842   -3.288  -12.508 1.00 24.80 ? 731 HOH A O   1 
HETATM 612 O  O   . HOH C 3 .  ? 4.282   -5.738  10.615  1.00 36.00 ? 732 HOH A O   1 
HETATM 613 O  O   . HOH C 3 .  ? -0.293  11.256  5.018   1.00 29.14 ? 733 HOH A O   1 
HETATM 614 O  O   . HOH C 3 .  ? 2.607   -6.031  -7.793  1.00 35.21 ? 734 HOH A O   1 
HETATM 615 O  O   . HOH C 3 .  ? 1.376   -5.687  -12.015 1.00 31.11 ? 735 HOH A O   1 
# 
loop_
_pdbx_poly_seq_scheme.asym_id 
_pdbx_poly_seq_scheme.entity_id 
_pdbx_poly_seq_scheme.seq_id 
_pdbx_poly_seq_scheme.mon_id 
_pdbx_poly_seq_scheme.ndb_seq_num 
_pdbx_poly_seq_scheme.pdb_seq_num 
_pdbx_poly_seq_scheme.auth_seq_num 
_pdbx_poly_seq_scheme.pdb_mon_id 
_pdbx_poly_seq_scheme.auth_mon_id 
_pdbx_poly_seq_scheme.pdb_strand_id 
_pdbx_poly_seq_scheme.pdb_ins_code 
_pdbx_poly_seq_scheme.hetero 
A 1 1  THR 1  225 225 THR THR A . n 
A 1 2  ALA 2  226 226 ALA ALA A . n 
A 1 3  ARG 3  227 227 ARG ARG A . n 
A 1 4  SER 4  228 228 SER SER A . n 
A 1 5  LYS 5  229 229 LYS LYS A . n 
A 1 6  VAL 6  230 230 VAL VAL A . n 
A 1 7  GLY 7  403 403 GLY GLY A . n 
A 1 8  GLY 8  404 404 GLY GLY A . n 
A 1 9  SER 9  405 405 SER SER A . n 
A 1 10 GLY 10 406 406 GLY GLY A . n 
A 1 11 ASP 11 407 407 ASP ASP A . n 
A 1 12 GLN 12 408 408 GLN GLN A . n 
A 1 13 THR 13 409 409 THR THR A . n 
A 1 14 TRP 14 410 410 TRP TRP A . n 
A 1 15 VAL 15 411 411 VAL VAL A . n 
A 1 16 GLN 16 412 412 GLN GLN A . n 
A 1 17 CYS 17 413 413 CYS CYS A . n 
A 1 18 ASP 18 414 414 ASP ASP A . n 
A 1 19 ALA 19 415 415 ALA ALA A . n 
A 1 20 CYS 20 416 416 CYS CYS A . n 
A 1 21 LEU 21 417 417 LEU LEU A . n 
A 1 22 LYS 22 418 418 LYS LYS A . n 
A 1 23 TRP 23 419 419 TRP TRP A . n 
A 1 24 ARG 24 420 420 ARG ARG A . n 
A 1 25 LYS 25 421 421 LYS LYS A . n 
A 1 26 LEU 26 422 422 LEU LEU A . n 
A 1 27 PRO 27 423 423 PRO PRO A . n 
A 1 28 ASP 28 424 424 ASP ASP A . n 
A 1 29 GLY 29 425 425 GLY GLY A . n 
A 1 30 MET 30 426 426 MET MET A . n 
A 1 31 ASP 31 427 427 ASP ASP A . n 
A 1 32 GLN 32 428 428 GLN GLN A . n 
A 1 33 LEU 33 429 429 LEU LEU A . n 
A 1 34 PRO 34 430 430 PRO PRO A . n 
A 1 35 GLU 35 431 431 GLU GLU A . n 
A 1 36 LYS 36 432 432 LYS LYS A . n 
A 1 37 TRP 37 433 433 TRP TRP A . n 
A 1 38 TYR 38 434 434 TYR TYR A . n 
A 1 39 CYS 39 435 435 CYS CYS A . n 
A 1 40 SER 40 436 436 SER SER A . n 
A 1 41 ASN 41 437 437 ASN ASN A . n 
A 1 42 ASN 42 438 438 ASN ASN A . n 
A 1 43 PRO 43 439 439 PRO PRO A . n 
A 1 44 ASP 44 440 440 ASP ASP A . n 
A 1 45 PRO 45 441 441 PRO PRO A . n 
A 1 46 GLN 46 442 442 GLN GLN A . n 
A 1 47 PHE 47 443 443 PHE PHE A . n 
A 1 48 ARG 48 444 444 ARG ARG A . n 
A 1 49 ASN 49 445 445 ASN ASN A . n 
A 1 50 CYS 50 446 446 CYS CYS A . n 
A 1 51 GLU 51 447 447 GLU GLU A . n 
A 1 52 VAL 52 448 448 VAL VAL A . n 
A 1 53 PRO 53 449 449 PRO PRO A . n 
A 1 54 GLU 54 450 450 GLU GLU A . n 
A 1 55 GLU 55 451 451 GLU GLU A . n 
A 1 56 PRO 56 452 452 PRO PRO A . n 
A 1 57 GLU 57 453 453 GLU GLU A . n 
A 1 58 ASP 58 454 ?   ?   ?   A . n 
A 1 59 GLU 59 455 ?   ?   ?   A . n 
# 
loop_
_pdbx_nonpoly_scheme.asym_id 
_pdbx_nonpoly_scheme.entity_id 
_pdbx_nonpoly_scheme.mon_id 
_pdbx_nonpoly_scheme.ndb_seq_num 
_pdbx_nonpoly_scheme.pdb_seq_num 
_pdbx_nonpoly_scheme.auth_seq_num 
_pdbx_nonpoly_scheme.pdb_mon_id 
_pdbx_nonpoly_scheme.auth_mon_id 
_pdbx_nonpoly_scheme.pdb_strand_id 
_pdbx_nonpoly_scheme.pdb_ins_code 
B 2 ZN  1   501 1   ZN  ZN  A . 
C 3 HOH 1   601 125 HOH HOH A . 
C 3 HOH 2   602 146 HOH HOH A . 
C 3 HOH 3   603 24  HOH HOH A . 
C 3 HOH 4   604 131 HOH HOH A . 
C 3 HOH 5   605 138 HOH HOH A . 
C 3 HOH 6   606 98  HOH HOH A . 
C 3 HOH 7   607 132 HOH HOH A . 
C 3 HOH 8   608 127 HOH HOH A . 
C 3 HOH 9   609 70  HOH HOH A . 
C 3 HOH 10  610 141 HOH HOH A . 
C 3 HOH 11  611 20  HOH HOH A . 
C 3 HOH 12  612 126 HOH HOH A . 
C 3 HOH 13  613 122 HOH HOH A . 
C 3 HOH 14  614 111 HOH HOH A . 
C 3 HOH 15  615 76  HOH HOH A . 
C 3 HOH 16  616 113 HOH HOH A . 
C 3 HOH 17  617 15  HOH HOH A . 
C 3 HOH 18  618 91  HOH HOH A . 
C 3 HOH 19  619 27  HOH HOH A . 
C 3 HOH 20  620 58  HOH HOH A . 
C 3 HOH 21  621 40  HOH HOH A . 
C 3 HOH 22  622 25  HOH HOH A . 
C 3 HOH 23  623 32  HOH HOH A . 
C 3 HOH 24  624 8   HOH HOH A . 
C 3 HOH 25  625 118 HOH HOH A . 
C 3 HOH 26  626 29  HOH HOH A . 
C 3 HOH 27  627 64  HOH HOH A . 
C 3 HOH 28  628 115 HOH HOH A . 
C 3 HOH 29  629 12  HOH HOH A . 
C 3 HOH 30  630 92  HOH HOH A . 
C 3 HOH 31  631 13  HOH HOH A . 
C 3 HOH 32  632 41  HOH HOH A . 
C 3 HOH 33  633 28  HOH HOH A . 
C 3 HOH 34  634 36  HOH HOH A . 
C 3 HOH 35  635 71  HOH HOH A . 
C 3 HOH 36  636 72  HOH HOH A . 
C 3 HOH 37  637 51  HOH HOH A . 
C 3 HOH 38  638 23  HOH HOH A . 
C 3 HOH 39  639 135 HOH HOH A . 
C 3 HOH 40  640 19  HOH HOH A . 
C 3 HOH 41  641 5   HOH HOH A . 
C 3 HOH 42  642 47  HOH HOH A . 
C 3 HOH 43  643 22  HOH HOH A . 
C 3 HOH 44  644 97  HOH HOH A . 
C 3 HOH 45  645 4   HOH HOH A . 
C 3 HOH 46  646 10  HOH HOH A . 
C 3 HOH 47  647 116 HOH HOH A . 
C 3 HOH 48  648 136 HOH HOH A . 
C 3 HOH 49  649 121 HOH HOH A . 
C 3 HOH 50  650 45  HOH HOH A . 
C 3 HOH 51  651 6   HOH HOH A . 
C 3 HOH 52  652 108 HOH HOH A . 
C 3 HOH 53  653 83  HOH HOH A . 
C 3 HOH 54  654 49  HOH HOH A . 
C 3 HOH 55  655 140 HOH HOH A . 
C 3 HOH 56  656 77  HOH HOH A . 
C 3 HOH 57  657 30  HOH HOH A . 
C 3 HOH 58  658 43  HOH HOH A . 
C 3 HOH 59  659 74  HOH HOH A . 
C 3 HOH 60  660 57  HOH HOH A . 
C 3 HOH 61  661 38  HOH HOH A . 
C 3 HOH 62  662 94  HOH HOH A . 
C 3 HOH 63  663 44  HOH HOH A . 
C 3 HOH 64  664 109 HOH HOH A . 
C 3 HOH 65  665 55  HOH HOH A . 
C 3 HOH 66  666 37  HOH HOH A . 
C 3 HOH 67  667 48  HOH HOH A . 
C 3 HOH 68  668 7   HOH HOH A . 
C 3 HOH 69  669 3   HOH HOH A . 
C 3 HOH 70  670 46  HOH HOH A . 
C 3 HOH 71  671 120 HOH HOH A . 
C 3 HOH 72  672 16  HOH HOH A . 
C 3 HOH 73  673 54  HOH HOH A . 
C 3 HOH 74  674 1   HOH HOH A . 
C 3 HOH 75  675 9   HOH HOH A . 
C 3 HOH 76  676 148 HOH HOH A . 
C 3 HOH 77  677 11  HOH HOH A . 
C 3 HOH 78  678 2   HOH HOH A . 
C 3 HOH 79  679 144 HOH HOH A . 
C 3 HOH 80  680 101 HOH HOH A . 
C 3 HOH 81  681 104 HOH HOH A . 
C 3 HOH 82  682 26  HOH HOH A . 
C 3 HOH 83  683 63  HOH HOH A . 
C 3 HOH 84  684 119 HOH HOH A . 
C 3 HOH 85  685 34  HOH HOH A . 
C 3 HOH 86  686 85  HOH HOH A . 
C 3 HOH 87  687 75  HOH HOH A . 
C 3 HOH 88  688 147 HOH HOH A . 
C 3 HOH 89  689 86  HOH HOH A . 
C 3 HOH 90  690 149 HOH HOH A . 
C 3 HOH 91  691 65  HOH HOH A . 
C 3 HOH 92  692 69  HOH HOH A . 
C 3 HOH 93  693 145 HOH HOH A . 
C 3 HOH 94  694 139 HOH HOH A . 
C 3 HOH 95  695 50  HOH HOH A . 
C 3 HOH 96  696 52  HOH HOH A . 
C 3 HOH 97  697 79  HOH HOH A . 
C 3 HOH 98  698 96  HOH HOH A . 
C 3 HOH 99  699 133 HOH HOH A . 
C 3 HOH 100 700 78  HOH HOH A . 
C 3 HOH 101 701 14  HOH HOH A . 
C 3 HOH 102 702 84  HOH HOH A . 
C 3 HOH 103 703 124 HOH HOH A . 
C 3 HOH 104 704 150 HOH HOH A . 
C 3 HOH 105 705 112 HOH HOH A . 
C 3 HOH 106 706 59  HOH HOH A . 
C 3 HOH 107 707 114 HOH HOH A . 
C 3 HOH 108 708 60  HOH HOH A . 
C 3 HOH 109 709 80  HOH HOH A . 
C 3 HOH 110 710 95  HOH HOH A . 
C 3 HOH 111 711 110 HOH HOH A . 
C 3 HOH 112 712 142 HOH HOH A . 
C 3 HOH 113 713 21  HOH HOH A . 
C 3 HOH 114 714 18  HOH HOH A . 
C 3 HOH 115 715 87  HOH HOH A . 
C 3 HOH 116 716 62  HOH HOH A . 
C 3 HOH 117 717 61  HOH HOH A . 
C 3 HOH 118 718 123 HOH HOH A . 
C 3 HOH 119 719 68  HOH HOH A . 
C 3 HOH 120 720 90  HOH HOH A . 
C 3 HOH 121 721 35  HOH HOH A . 
C 3 HOH 122 722 39  HOH HOH A . 
C 3 HOH 123 723 99  HOH HOH A . 
C 3 HOH 124 724 81  HOH HOH A . 
C 3 HOH 125 725 17  HOH HOH A . 
C 3 HOH 126 726 88  HOH HOH A . 
C 3 HOH 127 727 102 HOH HOH A . 
C 3 HOH 128 728 100 HOH HOH A . 
C 3 HOH 129 729 106 HOH HOH A . 
C 3 HOH 130 730 143 HOH HOH A . 
C 3 HOH 131 731 31  HOH HOH A . 
C 3 HOH 132 732 82  HOH HOH A . 
C 3 HOH 133 733 56  HOH HOH A . 
C 3 HOH 134 734 103 HOH HOH A . 
C 3 HOH 135 735 73  HOH HOH A . 
# 
_pdbx_struct_assembly.id                   1 
_pdbx_struct_assembly.details              author_and_software_defined_assembly 
_pdbx_struct_assembly.method_details       PISA 
_pdbx_struct_assembly.oligomeric_details   monomeric 
_pdbx_struct_assembly.oligomeric_count     1 
# 
_pdbx_struct_assembly_gen.assembly_id       1 
_pdbx_struct_assembly_gen.oper_expression   1 
_pdbx_struct_assembly_gen.asym_id_list      A,B,C 
# 
_pdbx_struct_oper_list.id                   1 
_pdbx_struct_oper_list.type                 'identity operation' 
_pdbx_struct_oper_list.name                 1_555 
_pdbx_struct_oper_list.symmetry_operation   x,y,z 
_pdbx_struct_oper_list.matrix[1][1]         1.0000000000 
_pdbx_struct_oper_list.matrix[1][2]         0.0000000000 
_pdbx_struct_oper_list.matrix[1][3]         0.0000000000 
_pdbx_struct_oper_list.vector[1]            0.0000000000 
_pdbx_struct_oper_list.matrix[2][1]         0.0000000000 
_pdbx_struct_oper_list.matrix[2][2]         1.0000000000 
_pdbx_struct_oper_list.matrix[2][3]         0.0000000000 
_pdbx_struct_oper_list.vector[2]            0.0000000000 
_pdbx_struct_oper_list.matrix[3][1]         0.0000000000 
_pdbx_struct_oper_list.matrix[3][2]         0.0000000000 
_pdbx_struct_oper_list.matrix[3][3]         1.0000000000 
_pdbx_struct_oper_list.vector[3]            0.0000000000 
# 
loop_
_pdbx_struct_conn_angle.id 
_pdbx_struct_conn_angle.ptnr1_label_atom_id 
_pdbx_struct_conn_angle.ptnr1_label_alt_id 
_pdbx_struct_conn_angle.ptnr1_label_asym_id 
_pdbx_struct_conn_angle.ptnr1_label_comp_id 
_pdbx_struct_conn_angle.ptnr1_label_seq_id 
_pdbx_struct_conn_angle.ptnr1_auth_atom_id 
_pdbx_struct_conn_angle.ptnr1_auth_asym_id 
_pdbx_struct_conn_angle.ptnr1_auth_comp_id 
_pdbx_struct_conn_angle.ptnr1_auth_seq_id 
_pdbx_struct_conn_angle.ptnr1_PDB_ins_code 
_pdbx_struct_conn_angle.ptnr1_symmetry 
_pdbx_struct_conn_angle.ptnr2_label_atom_id 
_pdbx_struct_conn_angle.ptnr2_label_alt_id 
_pdbx_struct_conn_angle.ptnr2_label_asym_id 
_pdbx_struct_conn_angle.ptnr2_label_comp_id 
_pdbx_struct_conn_angle.ptnr2_label_seq_id 
_pdbx_struct_conn_angle.ptnr2_auth_atom_id 
_pdbx_struct_conn_angle.ptnr2_auth_asym_id 
_pdbx_struct_conn_angle.ptnr2_auth_comp_id 
_pdbx_struct_conn_angle.ptnr2_auth_seq_id 
_pdbx_struct_conn_angle.ptnr2_PDB_ins_code 
_pdbx_struct_conn_angle.ptnr2_symmetry 
_pdbx_struct_conn_angle.ptnr3_label_atom_id 
_pdbx_struct_conn_angle.ptnr3_label_alt_id 
_pdbx_struct_conn_angle.ptnr3_label_asym_id 
_pdbx_struct_conn_angle.ptnr3_label_comp_id 
_pdbx_struct_conn_angle.ptnr3_label_seq_id 
_pdbx_struct_conn_angle.ptnr3_auth_atom_id 
_pdbx_struct_conn_angle.ptnr3_auth_asym_id 
_pdbx_struct_conn_angle.ptnr3_auth_comp_id 
_pdbx_struct_conn_angle.ptnr3_auth_seq_id 
_pdbx_struct_conn_angle.ptnr3_PDB_ins_code 
_pdbx_struct_conn_angle.ptnr3_symmetry 
_pdbx_struct_conn_angle.value 
_pdbx_struct_conn_angle.value_esd 
1 SG ? A CYS 17 ? A CYS 413 ? 1_555 ZN ? B ZN . ? A ZN 501 ? 1_555 SG ? A CYS 20 ? A CYS 416 ? 1_555 108.1 ? 
2 SG ? A CYS 17 ? A CYS 413 ? 1_555 ZN ? B ZN . ? A ZN 501 ? 1_555 SG ? A CYS 39 ? A CYS 435 ? 1_555 105.0 ? 
3 SG ? A CYS 20 ? A CYS 416 ? 1_555 ZN ? B ZN . ? A ZN 501 ? 1_555 SG ? A CYS 39 ? A CYS 435 ? 1_555 108.8 ? 
4 SG ? A CYS 17 ? A CYS 413 ? 1_555 ZN ? B ZN . ? A ZN 501 ? 1_555 SG ? A CYS 50 ? A CYS 446 ? 1_555 109.4 ? 
5 SG ? A CYS 20 ? A CYS 416 ? 1_555 ZN ? B ZN . ? A ZN 501 ? 1_555 SG ? A CYS 50 ? A CYS 446 ? 1_555 108.7 ? 
6 SG ? A CYS 39 ? A CYS 435 ? 1_555 ZN ? B ZN . ? A ZN 501 ? 1_555 SG ? A CYS 50 ? A CYS 446 ? 1_555 116.4 ? 
# 
loop_
_pdbx_audit_revision_history.ordinal 
_pdbx_audit_revision_history.data_content_type 
_pdbx_audit_revision_history.major_revision 
_pdbx_audit_revision_history.minor_revision 
_pdbx_audit_revision_history.revision_date 
1 'Structure model' 1 0 2019-05-08 
2 'Structure model' 1 1 2019-06-12 
3 'Structure model' 1 2 2023-10-11 
# 
_pdbx_audit_revision_details.ordinal             1 
_pdbx_audit_revision_details.revision_ordinal    1 
_pdbx_audit_revision_details.data_content_type   'Structure model' 
_pdbx_audit_revision_details.provider            repository 
_pdbx_audit_revision_details.type                'Initial release' 
_pdbx_audit_revision_details.description         ? 
_pdbx_audit_revision_details.details             ? 
# 
loop_
_pdbx_audit_revision_group.ordinal 
_pdbx_audit_revision_group.revision_ordinal 
_pdbx_audit_revision_group.data_content_type 
_pdbx_audit_revision_group.group 
1 2 'Structure model' 'Data collection'        
2 2 'Structure model' 'Database references'    
3 3 'Structure model' 'Data collection'        
4 3 'Structure model' 'Database references'    
5 3 'Structure model' 'Refinement description' 
# 
loop_
_pdbx_audit_revision_category.ordinal 
_pdbx_audit_revision_category.revision_ordinal 
_pdbx_audit_revision_category.data_content_type 
_pdbx_audit_revision_category.category 
1 2 'Structure model' citation                      
2 3 'Structure model' chem_comp_atom                
3 3 'Structure model' chem_comp_bond                
4 3 'Structure model' database_2                    
5 3 'Structure model' pdbx_initial_refinement_model 
# 
loop_
_pdbx_audit_revision_item.ordinal 
_pdbx_audit_revision_item.revision_ordinal 
_pdbx_audit_revision_item.data_content_type 
_pdbx_audit_revision_item.item 
1 2 'Structure model' '_citation.journal_volume'            
2 2 'Structure model' '_citation.page_first'                
3 2 'Structure model' '_citation.page_last'                 
4 3 'Structure model' '_database_2.pdbx_DOI'                
5 3 'Structure model' '_database_2.pdbx_database_accession' 
# 
loop_
_software.citation_id 
_software.classification 
_software.compiler_name 
_software.compiler_version 
_software.contact_author 
_software.contact_author_email 
_software.date 
_software.description 
_software.dependencies 
_software.hardware 
_software.language 
_software.location 
_software.mods 
_software.name 
_software.os 
_software.os_version 
_software.type 
_software.version 
_software.pdbx_ordinal 
? refinement       ? ? ? ? ? ? ? ? ? ? ? PHENIX    ? ? ? '(1.10.1_2155: ???)' 1 
? 'data reduction' ? ? ? ? ? ? ? ? ? ? ? HKL-3000  ? ? ? .                    2 
? 'data scaling'   ? ? ? ? ? ? ? ? ? ? ? SCALEPACK ? ? ? .                    3 
? phasing          ? ? ? ? ? ? ? ? ? ? ? AutoSol   ? ? ? .                    4 
# 
loop_
_pdbx_validate_close_contact.id 
_pdbx_validate_close_contact.PDB_model_num 
_pdbx_validate_close_contact.auth_atom_id_1 
_pdbx_validate_close_contact.auth_asym_id_1 
_pdbx_validate_close_contact.auth_comp_id_1 
_pdbx_validate_close_contact.auth_seq_id_1 
_pdbx_validate_close_contact.PDB_ins_code_1 
_pdbx_validate_close_contact.label_alt_id_1 
_pdbx_validate_close_contact.auth_atom_id_2 
_pdbx_validate_close_contact.auth_asym_id_2 
_pdbx_validate_close_contact.auth_comp_id_2 
_pdbx_validate_close_contact.auth_seq_id_2 
_pdbx_validate_close_contact.PDB_ins_code_2 
_pdbx_validate_close_contact.label_alt_id_2 
_pdbx_validate_close_contact.dist 
1 1 O A HOH 676 ? ? O A HOH 690 ? ? 2.17 
2 1 O A HOH 614 ? ? O A HOH 705 ? ? 2.19 
# 
loop_
_pdbx_unobs_or_zero_occ_residues.id 
_pdbx_unobs_or_zero_occ_residues.PDB_model_num 
_pdbx_unobs_or_zero_occ_residues.polymer_flag 
_pdbx_unobs_or_zero_occ_residues.occupancy_flag 
_pdbx_unobs_or_zero_occ_residues.auth_asym_id 
_pdbx_unobs_or_zero_occ_residues.auth_comp_id 
_pdbx_unobs_or_zero_occ_residues.auth_seq_id 
_pdbx_unobs_or_zero_occ_residues.PDB_ins_code 
_pdbx_unobs_or_zero_occ_residues.label_asym_id 
_pdbx_unobs_or_zero_occ_residues.label_comp_id 
_pdbx_unobs_or_zero_occ_residues.label_seq_id 
1 1 Y 1 A ASP 454 ? A ASP 58 
2 1 Y 1 A GLU 455 ? A GLU 59 
# 
loop_
_chem_comp_atom.comp_id 
_chem_comp_atom.atom_id 
_chem_comp_atom.type_symbol 
_chem_comp_atom.pdbx_aromatic_flag 
_chem_comp_atom.pdbx_stereo_config 
_chem_comp_atom.pdbx_ordinal 
ALA N    N  N N 1   
ALA CA   C  N S 2   
ALA C    C  N N 3   
ALA O    O  N N 4   
ALA CB   C  N N 5   
ALA OXT  O  N N 6   
ALA H    H  N N 7   
ALA H2   H  N N 8   
ALA HA   H  N N 9   
ALA HB1  H  N N 10  
ALA HB2  H  N N 11  
ALA HB3  H  N N 12  
ALA HXT  H  N N 13  
ARG N    N  N N 14  
ARG CA   C  N S 15  
ARG C    C  N N 16  
ARG O    O  N N 17  
ARG CB   C  N N 18  
ARG CG   C  N N 19  
ARG CD   C  N N 20  
ARG NE   N  N N 21  
ARG CZ   C  N N 22  
ARG NH1  N  N N 23  
ARG NH2  N  N N 24  
ARG OXT  O  N N 25  
ARG H    H  N N 26  
ARG H2   H  N N 27  
ARG HA   H  N N 28  
ARG HB2  H  N N 29  
ARG HB3  H  N N 30  
ARG HG2  H  N N 31  
ARG HG3  H  N N 32  
ARG HD2  H  N N 33  
ARG HD3  H  N N 34  
ARG HE   H  N N 35  
ARG HH11 H  N N 36  
ARG HH12 H  N N 37  
ARG HH21 H  N N 38  
ARG HH22 H  N N 39  
ARG HXT  H  N N 40  
ASN N    N  N N 41  
ASN CA   C  N S 42  
ASN C    C  N N 43  
ASN O    O  N N 44  
ASN CB   C  N N 45  
ASN CG   C  N N 46  
ASN OD1  O  N N 47  
ASN ND2  N  N N 48  
ASN OXT  O  N N 49  
ASN H    H  N N 50  
ASN H2   H  N N 51  
ASN HA   H  N N 52  
ASN HB2  H  N N 53  
ASN HB3  H  N N 54  
ASN HD21 H  N N 55  
ASN HD22 H  N N 56  
ASN HXT  H  N N 57  
ASP N    N  N N 58  
ASP CA   C  N S 59  
ASP C    C  N N 60  
ASP O    O  N N 61  
ASP CB   C  N N 62  
ASP CG   C  N N 63  
ASP OD1  O  N N 64  
ASP OD2  O  N N 65  
ASP OXT  O  N N 66  
ASP H    H  N N 67  
ASP H2   H  N N 68  
ASP HA   H  N N 69  
ASP HB2  H  N N 70  
ASP HB3  H  N N 71  
ASP HD2  H  N N 72  
ASP HXT  H  N N 73  
CYS N    N  N N 74  
CYS CA   C  N R 75  
CYS C    C  N N 76  
CYS O    O  N N 77  
CYS CB   C  N N 78  
CYS SG   S  N N 79  
CYS OXT  O  N N 80  
CYS H    H  N N 81  
CYS H2   H  N N 82  
CYS HA   H  N N 83  
CYS HB2  H  N N 84  
CYS HB3  H  N N 85  
CYS HG   H  N N 86  
CYS HXT  H  N N 87  
GLN N    N  N N 88  
GLN CA   C  N S 89  
GLN C    C  N N 90  
GLN O    O  N N 91  
GLN CB   C  N N 92  
GLN CG   C  N N 93  
GLN CD   C  N N 94  
GLN OE1  O  N N 95  
GLN NE2  N  N N 96  
GLN OXT  O  N N 97  
GLN H    H  N N 98  
GLN H2   H  N N 99  
GLN HA   H  N N 100 
GLN HB2  H  N N 101 
GLN HB3  H  N N 102 
GLN HG2  H  N N 103 
GLN HG3  H  N N 104 
GLN HE21 H  N N 105 
GLN HE22 H  N N 106 
GLN HXT  H  N N 107 
GLU N    N  N N 108 
GLU CA   C  N S 109 
GLU C    C  N N 110 
GLU O    O  N N 111 
GLU CB   C  N N 112 
GLU CG   C  N N 113 
GLU CD   C  N N 114 
GLU OE1  O  N N 115 
GLU OE2  O  N N 116 
GLU OXT  O  N N 117 
GLU H    H  N N 118 
GLU H2   H  N N 119 
GLU HA   H  N N 120 
GLU HB2  H  N N 121 
GLU HB3  H  N N 122 
GLU HG2  H  N N 123 
GLU HG3  H  N N 124 
GLU HE2  H  N N 125 
GLU HXT  H  N N 126 
GLY N    N  N N 127 
GLY CA   C  N N 128 
GLY C    C  N N 129 
GLY O    O  N N 130 
GLY OXT  O  N N 131 
GLY H    H  N N 132 
GLY H2   H  N N 133 
GLY HA2  H  N N 134 
GLY HA3  H  N N 135 
GLY HXT  H  N N 136 
HOH O    O  N N 137 
HOH H1   H  N N 138 
HOH H2   H  N N 139 
LEU N    N  N N 140 
LEU CA   C  N S 141 
LEU C    C  N N 142 
LEU O    O  N N 143 
LEU CB   C  N N 144 
LEU CG   C  N N 145 
LEU CD1  C  N N 146 
LEU CD2  C  N N 147 
LEU OXT  O  N N 148 
LEU H    H  N N 149 
LEU H2   H  N N 150 
LEU HA   H  N N 151 
LEU HB2  H  N N 152 
LEU HB3  H  N N 153 
LEU HG   H  N N 154 
LEU HD11 H  N N 155 
LEU HD12 H  N N 156 
LEU HD13 H  N N 157 
LEU HD21 H  N N 158 
LEU HD22 H  N N 159 
LEU HD23 H  N N 160 
LEU HXT  H  N N 161 
LYS N    N  N N 162 
LYS CA   C  N S 163 
LYS C    C  N N 164 
LYS O    O  N N 165 
LYS CB   C  N N 166 
LYS CG   C  N N 167 
LYS CD   C  N N 168 
LYS CE   C  N N 169 
LYS NZ   N  N N 170 
LYS OXT  O  N N 171 
LYS H    H  N N 172 
LYS H2   H  N N 173 
LYS HA   H  N N 174 
LYS HB2  H  N N 175 
LYS HB3  H  N N 176 
LYS HG2  H  N N 177 
LYS HG3  H  N N 178 
LYS HD2  H  N N 179 
LYS HD3  H  N N 180 
LYS HE2  H  N N 181 
LYS HE3  H  N N 182 
LYS HZ1  H  N N 183 
LYS HZ2  H  N N 184 
LYS HZ3  H  N N 185 
LYS HXT  H  N N 186 
MET N    N  N N 187 
MET CA   C  N S 188 
MET C    C  N N 189 
MET O    O  N N 190 
MET CB   C  N N 191 
MET CG   C  N N 192 
MET SD   S  N N 193 
MET CE   C  N N 194 
MET OXT  O  N N 195 
MET H    H  N N 196 
MET H2   H  N N 197 
MET HA   H  N N 198 
MET HB2  H  N N 199 
MET HB3  H  N N 200 
MET HG2  H  N N 201 
MET HG3  H  N N 202 
MET HE1  H  N N 203 
MET HE2  H  N N 204 
MET HE3  H  N N 205 
MET HXT  H  N N 206 
PHE N    N  N N 207 
PHE CA   C  N S 208 
PHE C    C  N N 209 
PHE O    O  N N 210 
PHE CB   C  N N 211 
PHE CG   C  Y N 212 
PHE CD1  C  Y N 213 
PHE CD2  C  Y N 214 
PHE CE1  C  Y N 215 
PHE CE2  C  Y N 216 
PHE CZ   C  Y N 217 
PHE OXT  O  N N 218 
PHE H    H  N N 219 
PHE H2   H  N N 220 
PHE HA   H  N N 221 
PHE HB2  H  N N 222 
PHE HB3  H  N N 223 
PHE HD1  H  N N 224 
PHE HD2  H  N N 225 
PHE HE1  H  N N 226 
PHE HE2  H  N N 227 
PHE HZ   H  N N 228 
PHE HXT  H  N N 229 
PRO N    N  N N 230 
PRO CA   C  N S 231 
PRO C    C  N N 232 
PRO O    O  N N 233 
PRO CB   C  N N 234 
PRO CG   C  N N 235 
PRO CD   C  N N 236 
PRO OXT  O  N N 237 
PRO H    H  N N 238 
PRO HA   H  N N 239 
PRO HB2  H  N N 240 
PRO HB3  H  N N 241 
PRO HG2  H  N N 242 
PRO HG3  H  N N 243 
PRO HD2  H  N N 244 
PRO HD3  H  N N 245 
PRO HXT  H  N N 246 
SER N    N  N N 247 
SER CA   C  N S 248 
SER C    C  N N 249 
SER O    O  N N 250 
SER CB   C  N N 251 
SER OG   O  N N 252 
SER OXT  O  N N 253 
SER H    H  N N 254 
SER H2   H  N N 255 
SER HA   H  N N 256 
SER HB2  H  N N 257 
SER HB3  H  N N 258 
SER HG   H  N N 259 
SER HXT  H  N N 260 
THR N    N  N N 261 
THR CA   C  N S 262 
THR C    C  N N 263 
THR O    O  N N 264 
THR CB   C  N R 265 
THR OG1  O  N N 266 
THR CG2  C  N N 267 
THR OXT  O  N N 268 
THR H    H  N N 269 
THR H2   H  N N 270 
THR HA   H  N N 271 
THR HB   H  N N 272 
THR HG1  H  N N 273 
THR HG21 H  N N 274 
THR HG22 H  N N 275 
THR HG23 H  N N 276 
THR HXT  H  N N 277 
TRP N    N  N N 278 
TRP CA   C  N S 279 
TRP C    C  N N 280 
TRP O    O  N N 281 
TRP CB   C  N N 282 
TRP CG   C  Y N 283 
TRP CD1  C  Y N 284 
TRP CD2  C  Y N 285 
TRP NE1  N  Y N 286 
TRP CE2  C  Y N 287 
TRP CE3  C  Y N 288 
TRP CZ2  C  Y N 289 
TRP CZ3  C  Y N 290 
TRP CH2  C  Y N 291 
TRP OXT  O  N N 292 
TRP H    H  N N 293 
TRP H2   H  N N 294 
TRP HA   H  N N 295 
TRP HB2  H  N N 296 
TRP HB3  H  N N 297 
TRP HD1  H  N N 298 
TRP HE1  H  N N 299 
TRP HE3  H  N N 300 
TRP HZ2  H  N N 301 
TRP HZ3  H  N N 302 
TRP HH2  H  N N 303 
TRP HXT  H  N N 304 
TYR N    N  N N 305 
TYR CA   C  N S 306 
TYR C    C  N N 307 
TYR O    O  N N 308 
TYR CB   C  N N 309 
TYR CG   C  Y N 310 
TYR CD1  C  Y N 311 
TYR CD2  C  Y N 312 
TYR CE1  C  Y N 313 
TYR CE2  C  Y N 314 
TYR CZ   C  Y N 315 
TYR OH   O  N N 316 
TYR OXT  O  N N 317 
TYR H    H  N N 318 
TYR H2   H  N N 319 
TYR HA   H  N N 320 
TYR HB2  H  N N 321 
TYR HB3  H  N N 322 
TYR HD1  H  N N 323 
TYR HD2  H  N N 324 
TYR HE1  H  N N 325 
TYR HE2  H  N N 326 
TYR HH   H  N N 327 
TYR HXT  H  N N 328 
VAL N    N  N N 329 
VAL CA   C  N S 330 
VAL C    C  N N 331 
VAL O    O  N N 332 
VAL CB   C  N N 333 
VAL CG1  C  N N 334 
VAL CG2  C  N N 335 
VAL OXT  O  N N 336 
VAL H    H  N N 337 
VAL H2   H  N N 338 
VAL HA   H  N N 339 
VAL HB   H  N N 340 
VAL HG11 H  N N 341 
VAL HG12 H  N N 342 
VAL HG13 H  N N 343 
VAL HG21 H  N N 344 
VAL HG22 H  N N 345 
VAL HG23 H  N N 346 
VAL HXT  H  N N 347 
ZN  ZN   ZN N N 348 
# 
loop_
_chem_comp_bond.comp_id 
_chem_comp_bond.atom_id_1 
_chem_comp_bond.atom_id_2 
_chem_comp_bond.value_order 
_chem_comp_bond.pdbx_aromatic_flag 
_chem_comp_bond.pdbx_stereo_config 
_chem_comp_bond.pdbx_ordinal 
ALA N   CA   sing N N 1   
ALA N   H    sing N N 2   
ALA N   H2   sing N N 3   
ALA CA  C    sing N N 4   
ALA CA  CB   sing N N 5   
ALA CA  HA   sing N N 6   
ALA C   O    doub N N 7   
ALA C   OXT  sing N N 8   
ALA CB  HB1  sing N N 9   
ALA CB  HB2  sing N N 10  
ALA CB  HB3  sing N N 11  
ALA OXT HXT  sing N N 12  
ARG N   CA   sing N N 13  
ARG N   H    sing N N 14  
ARG N   H2   sing N N 15  
ARG CA  C    sing N N 16  
ARG CA  CB   sing N N 17  
ARG CA  HA   sing N N 18  
ARG C   O    doub N N 19  
ARG C   OXT  sing N N 20  
ARG CB  CG   sing N N 21  
ARG CB  HB2  sing N N 22  
ARG CB  HB3  sing N N 23  
ARG CG  CD   sing N N 24  
ARG CG  HG2  sing N N 25  
ARG CG  HG3  sing N N 26  
ARG CD  NE   sing N N 27  
ARG CD  HD2  sing N N 28  
ARG CD  HD3  sing N N 29  
ARG NE  CZ   sing N N 30  
ARG NE  HE   sing N N 31  
ARG CZ  NH1  sing N N 32  
ARG CZ  NH2  doub N N 33  
ARG NH1 HH11 sing N N 34  
ARG NH1 HH12 sing N N 35  
ARG NH2 HH21 sing N N 36  
ARG NH2 HH22 sing N N 37  
ARG OXT HXT  sing N N 38  
ASN N   CA   sing N N 39  
ASN N   H    sing N N 40  
ASN N   H2   sing N N 41  
ASN CA  C    sing N N 42  
ASN CA  CB   sing N N 43  
ASN CA  HA   sing N N 44  
ASN C   O    doub N N 45  
ASN C   OXT  sing N N 46  
ASN CB  CG   sing N N 47  
ASN CB  HB2  sing N N 48  
ASN CB  HB3  sing N N 49  
ASN CG  OD1  doub N N 50  
ASN CG  ND2  sing N N 51  
ASN ND2 HD21 sing N N 52  
ASN ND2 HD22 sing N N 53  
ASN OXT HXT  sing N N 54  
ASP N   CA   sing N N 55  
ASP N   H    sing N N 56  
ASP N   H2   sing N N 57  
ASP CA  C    sing N N 58  
ASP CA  CB   sing N N 59  
ASP CA  HA   sing N N 60  
ASP C   O    doub N N 61  
ASP C   OXT  sing N N 62  
ASP CB  CG   sing N N 63  
ASP CB  HB2  sing N N 64  
ASP CB  HB3  sing N N 65  
ASP CG  OD1  doub N N 66  
ASP CG  OD2  sing N N 67  
ASP OD2 HD2  sing N N 68  
ASP OXT HXT  sing N N 69  
CYS N   CA   sing N N 70  
CYS N   H    sing N N 71  
CYS N   H2   sing N N 72  
CYS CA  C    sing N N 73  
CYS CA  CB   sing N N 74  
CYS CA  HA   sing N N 75  
CYS C   O    doub N N 76  
CYS C   OXT  sing N N 77  
CYS CB  SG   sing N N 78  
CYS CB  HB2  sing N N 79  
CYS CB  HB3  sing N N 80  
CYS SG  HG   sing N N 81  
CYS OXT HXT  sing N N 82  
GLN N   CA   sing N N 83  
GLN N   H    sing N N 84  
GLN N   H2   sing N N 85  
GLN CA  C    sing N N 86  
GLN CA  CB   sing N N 87  
GLN CA  HA   sing N N 88  
GLN C   O    doub N N 89  
GLN C   OXT  sing N N 90  
GLN CB  CG   sing N N 91  
GLN CB  HB2  sing N N 92  
GLN CB  HB3  sing N N 93  
GLN CG  CD   sing N N 94  
GLN CG  HG2  sing N N 95  
GLN CG  HG3  sing N N 96  
GLN CD  OE1  doub N N 97  
GLN CD  NE2  sing N N 98  
GLN NE2 HE21 sing N N 99  
GLN NE2 HE22 sing N N 100 
GLN OXT HXT  sing N N 101 
GLU N   CA   sing N N 102 
GLU N   H    sing N N 103 
GLU N   H2   sing N N 104 
GLU CA  C    sing N N 105 
GLU CA  CB   sing N N 106 
GLU CA  HA   sing N N 107 
GLU C   O    doub N N 108 
GLU C   OXT  sing N N 109 
GLU CB  CG   sing N N 110 
GLU CB  HB2  sing N N 111 
GLU CB  HB3  sing N N 112 
GLU CG  CD   sing N N 113 
GLU CG  HG2  sing N N 114 
GLU CG  HG3  sing N N 115 
GLU CD  OE1  doub N N 116 
GLU CD  OE2  sing N N 117 
GLU OE2 HE2  sing N N 118 
GLU OXT HXT  sing N N 119 
GLY N   CA   sing N N 120 
GLY N   H    sing N N 121 
GLY N   H2   sing N N 122 
GLY CA  C    sing N N 123 
GLY CA  HA2  sing N N 124 
GLY CA  HA3  sing N N 125 
GLY C   O    doub N N 126 
GLY C   OXT  sing N N 127 
GLY OXT HXT  sing N N 128 
HOH O   H1   sing N N 129 
HOH O   H2   sing N N 130 
LEU N   CA   sing N N 131 
LEU N   H    sing N N 132 
LEU N   H2   sing N N 133 
LEU CA  C    sing N N 134 
LEU CA  CB   sing N N 135 
LEU CA  HA   sing N N 136 
LEU C   O    doub N N 137 
LEU C   OXT  sing N N 138 
LEU CB  CG   sing N N 139 
LEU CB  HB2  sing N N 140 
LEU CB  HB3  sing N N 141 
LEU CG  CD1  sing N N 142 
LEU CG  CD2  sing N N 143 
LEU CG  HG   sing N N 144 
LEU CD1 HD11 sing N N 145 
LEU CD1 HD12 sing N N 146 
LEU CD1 HD13 sing N N 147 
LEU CD2 HD21 sing N N 148 
LEU CD2 HD22 sing N N 149 
LEU CD2 HD23 sing N N 150 
LEU OXT HXT  sing N N 151 
LYS N   CA   sing N N 152 
LYS N   H    sing N N 153 
LYS N   H2   sing N N 154 
LYS CA  C    sing N N 155 
LYS CA  CB   sing N N 156 
LYS CA  HA   sing N N 157 
LYS C   O    doub N N 158 
LYS C   OXT  sing N N 159 
LYS CB  CG   sing N N 160 
LYS CB  HB2  sing N N 161 
LYS CB  HB3  sing N N 162 
LYS CG  CD   sing N N 163 
LYS CG  HG2  sing N N 164 
LYS CG  HG3  sing N N 165 
LYS CD  CE   sing N N 166 
LYS CD  HD2  sing N N 167 
LYS CD  HD3  sing N N 168 
LYS CE  NZ   sing N N 169 
LYS CE  HE2  sing N N 170 
LYS CE  HE3  sing N N 171 
LYS NZ  HZ1  sing N N 172 
LYS NZ  HZ2  sing N N 173 
LYS NZ  HZ3  sing N N 174 
LYS OXT HXT  sing N N 175 
MET N   CA   sing N N 176 
MET N   H    sing N N 177 
MET N   H2   sing N N 178 
MET CA  C    sing N N 179 
MET CA  CB   sing N N 180 
MET CA  HA   sing N N 181 
MET C   O    doub N N 182 
MET C   OXT  sing N N 183 
MET CB  CG   sing N N 184 
MET CB  HB2  sing N N 185 
MET CB  HB3  sing N N 186 
MET CG  SD   sing N N 187 
MET CG  HG2  sing N N 188 
MET CG  HG3  sing N N 189 
MET SD  CE   sing N N 190 
MET CE  HE1  sing N N 191 
MET CE  HE2  sing N N 192 
MET CE  HE3  sing N N 193 
MET OXT HXT  sing N N 194 
PHE N   CA   sing N N 195 
PHE N   H    sing N N 196 
PHE N   H2   sing N N 197 
PHE CA  C    sing N N 198 
PHE CA  CB   sing N N 199 
PHE CA  HA   sing N N 200 
PHE C   O    doub N N 201 
PHE C   OXT  sing N N 202 
PHE CB  CG   sing N N 203 
PHE CB  HB2  sing N N 204 
PHE CB  HB3  sing N N 205 
PHE CG  CD1  doub Y N 206 
PHE CG  CD2  sing Y N 207 
PHE CD1 CE1  sing Y N 208 
PHE CD1 HD1  sing N N 209 
PHE CD2 CE2  doub Y N 210 
PHE CD2 HD2  sing N N 211 
PHE CE1 CZ   doub Y N 212 
PHE CE1 HE1  sing N N 213 
PHE CE2 CZ   sing Y N 214 
PHE CE2 HE2  sing N N 215 
PHE CZ  HZ   sing N N 216 
PHE OXT HXT  sing N N 217 
PRO N   CA   sing N N 218 
PRO N   CD   sing N N 219 
PRO N   H    sing N N 220 
PRO CA  C    sing N N 221 
PRO CA  CB   sing N N 222 
PRO CA  HA   sing N N 223 
PRO C   O    doub N N 224 
PRO C   OXT  sing N N 225 
PRO CB  CG   sing N N 226 
PRO CB  HB2  sing N N 227 
PRO CB  HB3  sing N N 228 
PRO CG  CD   sing N N 229 
PRO CG  HG2  sing N N 230 
PRO CG  HG3  sing N N 231 
PRO CD  HD2  sing N N 232 
PRO CD  HD3  sing N N 233 
PRO OXT HXT  sing N N 234 
SER N   CA   sing N N 235 
SER N   H    sing N N 236 
SER N   H2   sing N N 237 
SER CA  C    sing N N 238 
SER CA  CB   sing N N 239 
SER CA  HA   sing N N 240 
SER C   O    doub N N 241 
SER C   OXT  sing N N 242 
SER CB  OG   sing N N 243 
SER CB  HB2  sing N N 244 
SER CB  HB3  sing N N 245 
SER OG  HG   sing N N 246 
SER OXT HXT  sing N N 247 
THR N   CA   sing N N 248 
THR N   H    sing N N 249 
THR N   H2   sing N N 250 
THR CA  C    sing N N 251 
THR CA  CB   sing N N 252 
THR CA  HA   sing N N 253 
THR C   O    doub N N 254 
THR C   OXT  sing N N 255 
THR CB  OG1  sing N N 256 
THR CB  CG2  sing N N 257 
THR CB  HB   sing N N 258 
THR OG1 HG1  sing N N 259 
THR CG2 HG21 sing N N 260 
THR CG2 HG22 sing N N 261 
THR CG2 HG23 sing N N 262 
THR OXT HXT  sing N N 263 
TRP N   CA   sing N N 264 
TRP N   H    sing N N 265 
TRP N   H2   sing N N 266 
TRP CA  C    sing N N 267 
TRP CA  CB   sing N N 268 
TRP CA  HA   sing N N 269 
TRP C   O    doub N N 270 
TRP C   OXT  sing N N 271 
TRP CB  CG   sing N N 272 
TRP CB  HB2  sing N N 273 
TRP CB  HB3  sing N N 274 
TRP CG  CD1  doub Y N 275 
TRP CG  CD2  sing Y N 276 
TRP CD1 NE1  sing Y N 277 
TRP CD1 HD1  sing N N 278 
TRP CD2 CE2  doub Y N 279 
TRP CD2 CE3  sing Y N 280 
TRP NE1 CE2  sing Y N 281 
TRP NE1 HE1  sing N N 282 
TRP CE2 CZ2  sing Y N 283 
TRP CE3 CZ3  doub Y N 284 
TRP CE3 HE3  sing N N 285 
TRP CZ2 CH2  doub Y N 286 
TRP CZ2 HZ2  sing N N 287 
TRP CZ3 CH2  sing Y N 288 
TRP CZ3 HZ3  sing N N 289 
TRP CH2 HH2  sing N N 290 
TRP OXT HXT  sing N N 291 
TYR N   CA   sing N N 292 
TYR N   H    sing N N 293 
TYR N   H2   sing N N 294 
TYR CA  C    sing N N 295 
TYR CA  CB   sing N N 296 
TYR CA  HA   sing N N 297 
TYR C   O    doub N N 298 
TYR C   OXT  sing N N 299 
TYR CB  CG   sing N N 300 
TYR CB  HB2  sing N N 301 
TYR CB  HB3  sing N N 302 
TYR CG  CD1  doub Y N 303 
TYR CG  CD2  sing Y N 304 
TYR CD1 CE1  sing Y N 305 
TYR CD1 HD1  sing N N 306 
TYR CD2 CE2  doub Y N 307 
TYR CD2 HD2  sing N N 308 
TYR CE1 CZ   doub Y N 309 
TYR CE1 HE1  sing N N 310 
TYR CE2 CZ   sing Y N 311 
TYR CE2 HE2  sing N N 312 
TYR CZ  OH   sing N N 313 
TYR OH  HH   sing N N 314 
TYR OXT HXT  sing N N 315 
VAL N   CA   sing N N 316 
VAL N   H    sing N N 317 
VAL N   H2   sing N N 318 
VAL CA  C    sing N N 319 
VAL CA  CB   sing N N 320 
VAL CA  HA   sing N N 321 
VAL C   O    doub N N 322 
VAL C   OXT  sing N N 323 
VAL CB  CG1  sing N N 324 
VAL CB  CG2  sing N N 325 
VAL CB  HB   sing N N 326 
VAL CG1 HG11 sing N N 327 
VAL CG1 HG12 sing N N 328 
VAL CG1 HG13 sing N N 329 
VAL CG2 HG21 sing N N 330 
VAL CG2 HG22 sing N N 331 
VAL CG2 HG23 sing N N 332 
VAL OXT HXT  sing N N 333 
# 
loop_
_pdbx_entity_nonpoly.entity_id 
_pdbx_entity_nonpoly.name 
_pdbx_entity_nonpoly.comp_id 
2 'ZINC ION' ZN  
3 water      HOH 
# 
_pdbx_initial_refinement_model.id               1 
_pdbx_initial_refinement_model.entity_id_list   ? 
_pdbx_initial_refinement_model.type             'experimental model' 
_pdbx_initial_refinement_model.source_name      PDB 
_pdbx_initial_refinement_model.accession_code   5SVX 
_pdbx_initial_refinement_model.details          ? 
# 
_pdbx_struct_assembly_auth_evidence.id                     1 
_pdbx_struct_assembly_auth_evidence.assembly_id            1 
_pdbx_struct_assembly_auth_evidence.experimental_support   none 
_pdbx_struct_assembly_auth_evidence.details                ? 
# 
